data_2PZM
#
_entry.id   2PZM
#
_cell.length_a   58.214
_cell.length_b   140.481
_cell.length_c   184.139
_cell.angle_alpha   90.00
_cell.angle_beta   90.00
_cell.angle_gamma   90.00
#
_symmetry.space_group_name_H-M   'C 2 2 21'
#
loop_
_entity.id
_entity.type
_entity.pdbx_description
1 polymer 'Putative nucleotide sugar epimerase/ dehydratase'
2 non-polymer 'SULFATE ION'
3 non-polymer NICOTINAMIDE-ADENINE-DINUCLEOTIDE
4 non-polymer "URIDINE-5'-DIPHOSPHATE"
5 water water
#
_entity_poly.entity_id   1
_entity_poly.type   'polypeptide(L)'
_entity_poly.pdbx_seq_one_letter_code
;MGSSHHHHHHSSGLVPRGSHMRILITGGAGCLGSNLIEHWLPQGHEILVIDNFATGKREVLPPVAGLSVIEGSVTDAGLL
ERAFDSFKPTHVVHSAAAYKDPDDWAEDAATNVQGSINVAKAASKAGVKRLLNFQTALCYGRPATVPIPIDSPTAPFTSY
GISKTAGEAFLMMSDVPVVSLRLANVTGPRLAIGPIPTFYKRLKAGQKCFCSDTVRDFLDMSDFLAIADLSLQEGRPTGV
FNVSTGEGHSIKEVFDVVLDYVGATLAEPVPVVAPGADDVPSVVLDPSKTETEFGWKAKVDFKDTITGQLAWYDKYGVTD
IFSHLSAPKT
;
_entity_poly.pdbx_strand_id   A,B
#
loop_
_chem_comp.id
_chem_comp.type
_chem_comp.name
_chem_comp.formula
NAD non-polymer NICOTINAMIDE-ADENINE-DINUCLEOTIDE 'C21 H27 N7 O14 P2'
SO4 non-polymer 'SULFATE ION' 'O4 S -2'
UDP RNA linking URIDINE-5'-DIPHOSPHATE 'C9 H14 N2 O12 P2'
#
# COMPACT_ATOMS: atom_id res chain seq x y z
N LEU A 14 13.41 -39.17 -0.41
CA LEU A 14 13.41 -37.68 -0.67
C LEU A 14 14.68 -37.03 -0.11
N VAL A 15 15.26 -36.15 -0.90
CA VAL A 15 16.56 -35.59 -0.58
C VAL A 15 16.48 -34.10 -0.85
N PRO A 16 17.31 -33.27 -0.17
CA PRO A 16 18.26 -33.50 0.91
C PRO A 16 17.63 -34.17 2.15
N ARG A 17 18.19 -35.31 2.54
CA ARG A 17 17.74 -36.07 3.70
C ARG A 17 17.51 -35.14 4.89
N GLY A 18 16.27 -35.15 5.39
CA GLY A 18 15.90 -34.38 6.57
C GLY A 18 15.73 -32.89 6.35
N SER A 19 16.07 -32.42 5.15
CA SER A 19 15.90 -31.01 4.79
CA SER A 19 15.90 -31.01 4.80
C SER A 19 15.30 -30.83 3.40
N HIS A 20 14.54 -31.83 2.94
CA HIS A 20 13.83 -31.81 1.63
C HIS A 20 12.70 -30.82 1.69
N MET A 21 12.64 -29.92 0.70
CA MET A 21 11.58 -28.94 0.66
C MET A 21 10.62 -29.20 -0.49
N ARG A 22 9.34 -28.91 -0.26
CA ARG A 22 8.36 -28.75 -1.34
CA ARG A 22 8.38 -28.75 -1.34
C ARG A 22 8.12 -27.25 -1.48
N ILE A 23 8.66 -26.66 -2.54
CA ILE A 23 8.67 -25.20 -2.66
C ILE A 23 7.67 -24.75 -3.71
N LEU A 24 6.71 -23.94 -3.30
CA LEU A 24 5.83 -23.27 -4.24
C LEU A 24 6.39 -21.87 -4.54
N ILE A 25 6.67 -21.61 -5.81
CA ILE A 25 7.30 -20.36 -6.25
C ILE A 25 6.35 -19.65 -7.21
N THR A 26 5.72 -18.57 -6.75
CA THR A 26 4.93 -17.72 -7.63
C THR A 26 5.93 -16.89 -8.42
N GLY A 27 5.63 -16.63 -9.69
CA GLY A 27 6.59 -15.89 -10.53
C GLY A 27 7.86 -16.67 -10.83
N GLY A 28 7.78 -18.00 -10.76
CA GLY A 28 8.96 -18.89 -10.91
C GLY A 28 9.55 -18.90 -12.33
N ALA A 29 8.81 -18.39 -13.31
CA ALA A 29 9.31 -18.32 -14.69
C ALA A 29 10.09 -17.01 -14.96
N GLY A 30 10.20 -16.15 -13.97
CA GLY A 30 10.89 -14.88 -14.18
C GLY A 30 12.40 -15.04 -13.89
N CYS A 31 13.09 -13.90 -13.74
CA CYS A 31 14.52 -13.91 -13.56
C CYS A 31 14.97 -14.56 -12.25
N LEU A 32 14.53 -14.02 -11.12
CA LEU A 32 14.94 -14.57 -9.85
C LEU A 32 14.33 -15.95 -9.65
N GLY A 33 13.08 -16.11 -10.05
CA GLY A 33 12.38 -17.41 -9.91
C GLY A 33 13.14 -18.50 -10.63
N SER A 34 13.53 -18.25 -11.89
CA SER A 34 14.20 -19.32 -12.68
C SER A 34 15.60 -19.64 -12.15
N ASN A 35 16.31 -18.62 -11.68
CA ASN A 35 17.62 -18.85 -11.03
C ASN A 35 17.51 -19.67 -9.74
N LEU A 36 16.45 -19.44 -8.97
CA LEU A 36 16.20 -20.22 -7.76
C LEU A 36 15.85 -21.67 -8.10
N ILE A 37 15.09 -21.89 -9.17
CA ILE A 37 14.83 -23.27 -9.63
C ILE A 37 16.13 -23.98 -10.06
N GLU A 38 16.99 -23.28 -10.80
CA GLU A 38 18.20 -23.90 -11.29
C GLU A 38 19.16 -24.19 -10.14
N HIS A 39 18.96 -23.46 -9.03
CA HIS A 39 19.71 -23.62 -7.79
C HIS A 39 19.16 -24.78 -6.98
N TRP A 40 17.85 -24.87 -6.86
CA TRP A 40 17.23 -25.90 -5.98
C TRP A 40 16.86 -27.28 -6.57
N LEU A 41 16.32 -27.29 -7.79
CA LEU A 41 16.01 -28.54 -8.48
C LEU A 41 17.17 -29.58 -8.52
N PRO A 42 18.42 -29.15 -8.87
CA PRO A 42 19.49 -30.18 -8.79
C PRO A 42 19.73 -30.77 -7.41
N GLN A 43 19.25 -30.11 -6.35
CA GLN A 43 19.41 -30.65 -5.00
C GLN A 43 18.35 -31.69 -4.59
N GLY A 44 17.36 -31.92 -5.44
CA GLY A 44 16.29 -32.88 -5.17
C GLY A 44 15.01 -32.31 -4.55
N HIS A 45 14.92 -30.99 -4.42
CA HIS A 45 13.70 -30.34 -3.91
C HIS A 45 12.59 -30.45 -4.93
N GLU A 46 11.36 -30.54 -4.47
CA GLU A 46 10.20 -30.55 -5.34
C GLU A 46 9.70 -29.11 -5.49
N ILE A 47 9.46 -28.70 -6.74
CA ILE A 47 9.06 -27.32 -6.99
C ILE A 47 7.76 -27.26 -7.78
N LEU A 48 6.84 -26.43 -7.32
CA LEU A 48 5.67 -26.03 -8.11
C LEU A 48 5.74 -24.55 -8.43
N VAL A 49 5.69 -24.22 -9.72
CA VAL A 49 5.64 -22.83 -10.22
C VAL A 49 4.19 -22.42 -10.51
N ILE A 50 3.79 -21.24 -10.03
CA ILE A 50 2.59 -20.59 -10.54
C ILE A 50 3.02 -19.28 -11.25
N ASP A 51 2.69 -19.17 -12.54
CA ASP A 51 3.07 -17.97 -13.32
C ASP A 51 2.06 -17.71 -14.40
N ASN A 52 1.78 -16.43 -14.70
CA ASN A 52 0.88 -16.06 -15.81
C ASN A 52 1.63 -15.65 -17.09
N PHE A 53 2.96 -15.73 -17.07
CA PHE A 53 3.82 -15.35 -18.18
C PHE A 53 3.59 -13.93 -18.69
N ALA A 54 3.31 -12.99 -17.79
CA ALA A 54 3.20 -11.59 -18.17
C ALA A 54 4.56 -11.05 -18.66
N THR A 55 5.64 -11.51 -18.02
CA THR A 55 7.01 -11.10 -18.36
C THR A 55 7.93 -12.33 -18.32
N GLY A 56 7.54 -13.34 -17.52
CA GLY A 56 8.30 -14.60 -17.47
C GLY A 56 8.19 -15.45 -18.74
N LYS A 57 9.11 -16.40 -18.91
CA LYS A 57 9.20 -17.19 -20.15
C LYS A 57 8.97 -18.69 -19.95
N ARG A 58 8.18 -19.31 -20.85
CA ARG A 58 7.88 -20.74 -20.76
C ARG A 58 9.13 -21.61 -20.89
N GLU A 59 10.07 -21.16 -21.69
CA GLU A 59 11.26 -21.92 -21.96
C GLU A 59 12.25 -22.06 -20.79
N VAL A 60 12.09 -21.32 -19.72
CA VAL A 60 12.95 -21.56 -18.55
C VAL A 60 12.39 -22.65 -17.65
N LEU A 61 11.24 -23.20 -18.01
CA LEU A 61 10.59 -24.24 -17.24
C LEU A 61 10.41 -25.53 -18.07
N PRO A 62 11.54 -26.19 -18.44
CA PRO A 62 11.40 -27.38 -19.26
C PRO A 62 10.69 -28.49 -18.45
N PRO A 63 10.10 -29.48 -19.14
CA PRO A 63 9.38 -30.60 -18.53
C PRO A 63 10.34 -31.64 -17.91
N VAL A 64 10.79 -31.31 -16.72
CA VAL A 64 11.93 -31.89 -16.12
C VAL A 64 11.51 -32.41 -14.75
N ALA A 65 12.25 -33.33 -14.20
CA ALA A 65 11.81 -34.04 -13.03
C ALA A 65 11.84 -33.21 -11.77
N GLY A 66 10.78 -33.29 -11.03
CA GLY A 66 10.66 -32.52 -9.81
C GLY A 66 10.10 -31.13 -10.02
N LEU A 67 9.80 -30.78 -11.25
CA LEU A 67 9.30 -29.44 -11.55
C LEU A 67 7.92 -29.55 -12.20
N SER A 68 6.98 -28.85 -11.58
CA SER A 68 5.57 -28.77 -11.98
C SER A 68 5.19 -27.32 -12.16
N VAL A 69 4.28 -27.07 -13.09
CA VAL A 69 3.92 -25.69 -13.46
C VAL A 69 2.42 -25.57 -13.62
N ILE A 70 1.86 -24.54 -12.98
CA ILE A 70 0.49 -24.14 -13.22
C ILE A 70 0.50 -22.77 -13.87
N GLU A 71 -0.07 -22.67 -15.07
CA GLU A 71 -0.23 -21.38 -15.66
C GLU A 71 -1.48 -20.72 -15.11
N GLY A 72 -1.30 -19.61 -14.40
CA GLY A 72 -2.41 -18.93 -13.76
C GLY A 72 -1.91 -17.77 -12.92
N SER A 73 -2.83 -17.11 -12.23
CA SER A 73 -2.49 -15.83 -11.58
C SER A 73 -2.62 -15.94 -10.08
N VAL A 74 -1.75 -15.22 -9.36
CA VAL A 74 -1.84 -15.12 -7.92
C VAL A 74 -3.07 -14.31 -7.48
N THR A 75 -3.66 -13.58 -8.41
CA THR A 75 -4.92 -12.87 -8.17
C THR A 75 -6.10 -13.85 -8.02
N ASP A 76 -5.91 -15.11 -8.46
CA ASP A 76 -7.00 -16.09 -8.48
C ASP A 76 -6.92 -16.92 -7.18
N ALA A 77 -7.66 -16.50 -6.17
CA ALA A 77 -7.60 -17.15 -4.85
C ALA A 77 -8.00 -18.65 -4.84
N GLY A 78 -8.95 -19.04 -5.69
CA GLY A 78 -9.41 -20.43 -5.76
C GLY A 78 -8.32 -21.35 -6.33
N LEU A 79 -7.68 -20.88 -7.40
CA LEU A 79 -6.53 -21.52 -8.02
C LEU A 79 -5.43 -21.75 -6.98
N LEU A 80 -5.07 -20.71 -6.22
CA LEU A 80 -4.08 -20.85 -5.14
C LEU A 80 -4.51 -21.85 -4.07
N GLU A 81 -5.76 -21.75 -3.60
CA GLU A 81 -6.26 -22.72 -2.64
C GLU A 81 -6.03 -24.16 -3.10
N ARG A 82 -6.48 -24.45 -4.32
CA ARG A 82 -6.29 -25.77 -4.87
C ARG A 82 -4.82 -26.19 -5.03
N ALA A 83 -3.96 -25.25 -5.46
CA ALA A 83 -2.53 -25.49 -5.61
C ALA A 83 -1.94 -25.84 -4.25
N PHE A 84 -2.14 -24.97 -3.27
CA PHE A 84 -1.67 -25.26 -1.92
C PHE A 84 -2.25 -26.55 -1.39
N ASP A 85 -3.53 -26.77 -1.64
CA ASP A 85 -4.22 -27.94 -1.09
C ASP A 85 -3.56 -29.21 -1.57
N SER A 86 -3.27 -29.24 -2.86
CA SER A 86 -2.74 -30.41 -3.51
C SER A 86 -1.24 -30.60 -3.28
N PHE A 87 -0.47 -29.52 -3.45
CA PHE A 87 0.99 -29.59 -3.42
C PHE A 87 1.53 -29.63 -1.99
N LYS A 88 0.80 -29.02 -1.06
CA LYS A 88 1.21 -28.98 0.35
C LYS A 88 2.66 -28.46 0.51
N PRO A 89 2.91 -27.23 0.07
CA PRO A 89 4.26 -26.76 0.16
C PRO A 89 4.77 -26.63 1.61
N THR A 90 6.03 -26.97 1.84
CA THR A 90 6.68 -26.66 3.11
C THR A 90 7.20 -25.22 3.18
N HIS A 91 7.51 -24.65 2.00
CA HIS A 91 8.12 -23.32 1.85
C HIS A 91 7.51 -22.65 0.63
N VAL A 92 7.35 -21.32 0.74
CA VAL A 92 6.83 -20.50 -0.33
C VAL A 92 7.83 -19.39 -0.68
N VAL A 93 8.06 -19.19 -1.97
CA VAL A 93 8.86 -18.06 -2.40
C VAL A 93 7.91 -17.26 -3.25
N HIS A 94 7.59 -16.05 -2.80
CA HIS A 94 6.64 -15.24 -3.54
C HIS A 94 7.39 -14.24 -4.45
N SER A 95 7.54 -14.61 -5.72
CA SER A 95 8.33 -13.86 -6.69
C SER A 95 7.47 -13.21 -7.78
N ALA A 96 6.15 -13.44 -7.76
CA ALA A 96 5.29 -12.82 -8.78
C ALA A 96 5.10 -11.32 -8.55
N ALA A 97 5.26 -10.53 -9.59
CA ALA A 97 4.99 -9.08 -9.56
C ALA A 97 4.66 -8.56 -10.96
N ALA A 98 3.69 -7.64 -11.02
CA ALA A 98 3.34 -6.86 -12.20
C ALA A 98 3.96 -5.47 -12.13
N TYR A 99 4.45 -4.96 -13.27
CA TYR A 99 5.11 -3.68 -13.32
C TYR A 99 5.21 -3.14 -14.73
N LYS A 100 4.97 -3.96 -15.76
CA LYS A 100 5.44 -3.58 -17.10
C LYS A 100 4.76 -2.35 -17.71
N ASP A 101 3.54 -2.04 -17.23
CA ASP A 101 2.76 -0.87 -17.68
C ASP A 101 2.48 0.02 -16.48
N PRO A 102 3.25 1.13 -16.36
CA PRO A 102 3.21 2.04 -15.22
C PRO A 102 1.85 2.72 -15.09
N ASP A 103 1.01 2.67 -16.13
CA ASP A 103 -0.31 3.32 -16.08
C ASP A 103 -1.41 2.35 -15.69
N ASP A 104 -1.08 1.06 -15.71
CA ASP A 104 -2.05 0.01 -15.40
C ASP A 104 -2.09 -0.24 -13.88
N TRP A 105 -2.57 0.75 -13.17
CA TRP A 105 -2.59 0.67 -11.72
C TRP A 105 -3.41 -0.51 -11.25
N ALA A 106 -4.52 -0.78 -11.94
CA ALA A 106 -5.38 -1.92 -11.57
C ALA A 106 -4.67 -3.25 -11.55
N GLU A 107 -3.89 -3.52 -12.61
CA GLU A 107 -3.07 -4.71 -12.69
C GLU A 107 -2.02 -4.78 -11.60
N ASP A 108 -1.32 -3.68 -11.36
CA ASP A 108 -0.32 -3.64 -10.30
C ASP A 108 -0.97 -3.92 -8.96
N ALA A 109 -2.10 -3.29 -8.66
CA ALA A 109 -2.77 -3.52 -7.38
C ALA A 109 -3.31 -4.96 -7.28
N ALA A 110 -3.86 -5.49 -8.38
CA ALA A 110 -4.37 -6.86 -8.35
C ALA A 110 -3.23 -7.85 -8.07
N THR A 111 -2.17 -7.83 -8.87
CA THR A 111 -1.04 -8.79 -8.73
C THR A 111 -0.28 -8.55 -7.41
N ASN A 112 0.06 -7.28 -7.13
CA ASN A 112 1.04 -7.04 -6.05
C ASN A 112 0.37 -6.94 -4.71
N VAL A 113 -0.87 -6.43 -4.67
CA VAL A 113 -1.55 -6.38 -3.40
C VAL A 113 -2.43 -7.61 -3.19
N GLN A 114 -3.38 -7.84 -4.06
CA GLN A 114 -4.30 -8.97 -3.83
C GLN A 114 -3.61 -10.33 -3.97
N GLY A 115 -2.67 -10.43 -4.92
CA GLY A 115 -1.82 -11.63 -5.05
C GLY A 115 -1.03 -11.91 -3.77
N SER A 116 -0.46 -10.87 -3.14
CA SER A 116 0.27 -11.07 -1.90
C SER A 116 -0.66 -11.56 -0.80
N ILE A 117 -1.82 -10.90 -0.64
CA ILE A 117 -2.86 -11.40 0.25
C ILE A 117 -3.29 -12.83 0.03
N ASN A 118 -3.58 -13.21 -1.23
CA ASN A 118 -4.00 -14.60 -1.47
C ASN A 118 -2.90 -15.58 -1.08
N VAL A 119 -1.66 -15.23 -1.37
CA VAL A 119 -0.54 -16.15 -1.08
C VAL A 119 -0.39 -16.29 0.43
N ALA A 120 -0.51 -15.18 1.16
CA ALA A 120 -0.38 -15.21 2.63
C ALA A 120 -1.50 -16.05 3.29
N LYS A 121 -2.73 -15.84 2.84
CA LYS A 121 -3.90 -16.60 3.35
C LYS A 121 -3.77 -18.08 3.05
N ALA A 122 -3.40 -18.43 1.82
CA ALA A 122 -3.24 -19.82 1.42
C ALA A 122 -2.10 -20.48 2.19
N ALA A 123 -0.99 -19.76 2.39
CA ALA A 123 0.18 -20.36 3.03
C ALA A 123 -0.10 -20.65 4.51
N SER A 124 -0.87 -19.77 5.15
CA SER A 124 -1.29 -19.94 6.54
C SER A 124 -2.15 -21.22 6.76
N LYS A 125 -3.14 -21.42 5.88
CA LYS A 125 -4.02 -22.59 5.94
C LYS A 125 -3.24 -23.88 5.75
N ALA A 126 -2.21 -23.80 4.90
CA ALA A 126 -1.45 -24.97 4.51
C ALA A 126 -0.34 -25.26 5.52
N GLY A 127 -0.13 -24.38 6.48
CA GLY A 127 0.90 -24.64 7.49
C GLY A 127 2.30 -24.54 6.92
N VAL A 128 2.49 -23.61 6.00
CA VAL A 128 3.79 -23.36 5.40
C VAL A 128 4.78 -22.98 6.52
N LYS A 129 6.00 -23.53 6.45
CA LYS A 129 7.02 -23.27 7.46
C LYS A 129 7.62 -21.85 7.35
N ARG A 130 7.94 -21.44 6.12
CA ARG A 130 8.53 -20.13 5.89
C ARG A 130 8.11 -19.62 4.54
N LEU A 131 7.82 -18.31 4.49
CA LEU A 131 7.58 -17.60 3.24
C LEU A 131 8.64 -16.50 3.02
N LEU A 132 9.19 -16.52 1.81
CA LEU A 132 10.15 -15.55 1.33
C LEU A 132 9.53 -14.67 0.23
N ASN A 133 9.59 -13.34 0.46
CA ASN A 133 9.07 -12.35 -0.46
C ASN A 133 10.22 -11.47 -0.91
N PHE A 134 10.16 -11.00 -2.16
CA PHE A 134 11.13 -10.01 -2.69
C PHE A 134 10.49 -8.65 -2.85
N GLN A 135 11.17 -7.63 -2.34
CA GLN A 135 10.66 -6.30 -2.37
C GLN A 135 11.57 -5.38 -3.19
N THR A 136 10.95 -4.48 -3.93
CA THR A 136 11.73 -3.53 -4.71
C THR A 136 12.10 -2.33 -3.85
N ALA A 137 13.30 -1.77 -4.08
CA ALA A 137 13.75 -0.54 -3.43
C ALA A 137 12.91 0.68 -3.75
N LEU A 138 12.00 0.57 -4.74
CA LEU A 138 10.98 1.62 -4.96
C LEU A 138 10.08 1.84 -3.73
N CYS A 139 10.02 0.85 -2.85
CA CYS A 139 9.29 1.02 -1.57
C CYS A 139 9.76 2.21 -0.73
N TYR A 140 11.04 2.58 -0.87
CA TYR A 140 11.64 3.67 -0.09
C TYR A 140 11.41 5.06 -0.68
N GLY A 141 10.96 5.12 -1.92
CA GLY A 141 10.78 6.38 -2.63
C GLY A 141 12.09 7.14 -2.70
N ARG A 142 12.00 8.45 -2.47
CA ARG A 142 13.15 9.33 -2.40
C ARG A 142 13.69 9.22 -0.97
N PRO A 143 14.83 8.53 -0.76
CA PRO A 143 15.30 8.26 0.59
C PRO A 143 15.84 9.51 1.31
N ALA A 144 15.61 9.55 2.63
CA ALA A 144 16.16 10.62 3.44
C ALA A 144 17.68 10.58 3.48
N THR A 145 18.26 9.38 3.44
CA THR A 145 19.70 9.24 3.46
C THR A 145 20.13 8.01 2.64
N VAL A 146 21.41 7.99 2.25
CA VAL A 146 22.04 6.79 1.70
C VAL A 146 23.36 6.45 2.41
N PRO A 147 23.68 5.14 2.56
CA PRO A 147 22.86 3.95 2.19
C PRO A 147 21.59 3.90 3.01
N ILE A 148 20.54 3.26 2.49
CA ILE A 148 19.24 3.32 3.15
C ILE A 148 19.17 2.36 4.36
N PRO A 149 18.96 2.90 5.58
CA PRO A 149 18.77 1.98 6.71
C PRO A 149 17.49 1.14 6.61
N ILE A 150 17.51 -0.05 7.19
CA ILE A 150 16.36 -0.92 7.15
C ILE A 150 15.15 -0.31 7.89
N ASP A 151 15.41 0.61 8.83
CA ASP A 151 14.29 1.27 9.51
C ASP A 151 13.72 2.50 8.80
N SER A 152 14.19 2.79 7.59
CA SER A 152 13.65 3.89 6.79
C SER A 152 12.19 3.68 6.50
N PRO A 153 11.42 4.78 6.47
CA PRO A 153 10.04 4.60 6.09
C PRO A 153 9.87 4.19 4.61
N THR A 154 8.74 3.55 4.30
CA THR A 154 8.30 3.38 2.92
C THR A 154 7.57 4.64 2.47
N ALA A 155 7.85 5.06 1.23
CA ALA A 155 7.32 6.33 0.71
C ALA A 155 7.29 6.29 -0.81
N PRO A 156 6.64 5.24 -1.36
CA PRO A 156 6.61 5.05 -2.81
C PRO A 156 5.70 6.06 -3.51
N PHE A 157 5.97 6.32 -4.77
CA PHE A 157 5.19 7.31 -5.49
C PHE A 157 4.90 6.84 -6.93
N THR A 158 5.11 5.55 -7.21
CA THR A 158 4.78 4.96 -8.54
C THR A 158 3.86 3.76 -8.30
N SER A 159 3.11 3.33 -9.32
CA SER A 159 2.18 2.24 -9.18
C SER A 159 2.86 0.95 -8.70
N TYR A 160 3.99 0.61 -9.32
CA TYR A 160 4.80 -0.51 -8.93
C TYR A 160 5.20 -0.39 -7.45
N GLY A 161 5.80 0.74 -7.05
CA GLY A 161 6.19 0.91 -5.65
C GLY A 161 5.06 0.86 -4.62
N ILE A 162 3.95 1.55 -4.92
CA ILE A 162 2.80 1.65 -4.02
C ILE A 162 2.16 0.28 -3.77
N SER A 163 1.91 -0.45 -4.85
CA SER A 163 1.28 -1.77 -4.75
C SER A 163 2.22 -2.79 -4.05
N LYS A 164 3.51 -2.77 -4.37
CA LYS A 164 4.48 -3.68 -3.75
C LYS A 164 4.66 -3.41 -2.26
N THR A 165 4.57 -2.13 -1.88
CA THR A 165 4.69 -1.68 -0.45
C THR A 165 3.50 -2.25 0.34
N ALA A 166 2.28 -2.10 -0.20
CA ALA A 166 1.09 -2.66 0.46
C ALA A 166 1.09 -4.22 0.46
N GLY A 167 1.47 -4.86 -0.64
CA GLY A 167 1.56 -6.34 -0.63
C GLY A 167 2.52 -6.84 0.47
N GLU A 168 3.69 -6.22 0.57
CA GLU A 168 4.67 -6.60 1.60
C GLU A 168 4.06 -6.40 2.99
N ALA A 169 3.38 -5.27 3.16
CA ALA A 169 2.81 -4.96 4.45
C ALA A 169 1.73 -5.98 4.86
N PHE A 170 0.90 -6.42 3.93
CA PHE A 170 -0.03 -7.50 4.21
C PHE A 170 0.65 -8.82 4.54
N LEU A 171 1.74 -9.14 3.85
CA LEU A 171 2.46 -10.37 4.15
C LEU A 171 3.05 -10.35 5.55
N MET A 172 3.46 -9.17 6.02
CA MET A 172 4.00 -9.01 7.39
C MET A 172 3.00 -9.22 8.52
N MET A 173 1.72 -9.15 8.21
CA MET A 173 0.67 -9.45 9.18
C MET A 173 0.40 -10.96 9.33
N SER A 174 1.03 -11.79 8.49
CA SER A 174 0.73 -13.22 8.45
C SER A 174 1.20 -13.91 9.72
N ASP A 175 0.53 -15.00 10.11
CA ASP A 175 1.08 -15.80 11.18
C ASP A 175 2.15 -16.77 10.65
N VAL A 176 2.26 -16.88 9.32
CA VAL A 176 3.39 -17.55 8.70
C VAL A 176 4.67 -16.75 8.88
N PRO A 177 5.79 -17.39 9.29
CA PRO A 177 7.10 -16.71 9.34
C PRO A 177 7.46 -16.21 7.97
N VAL A 178 7.74 -14.91 7.88
CA VAL A 178 7.97 -14.27 6.57
C VAL A 178 9.25 -13.50 6.62
N VAL A 179 10.03 -13.66 5.57
CA VAL A 179 11.20 -12.83 5.34
C VAL A 179 10.90 -12.06 4.06
N SER A 180 11.09 -10.73 4.10
CA SER A 180 10.92 -9.91 2.93
C SER A 180 12.22 -9.20 2.67
N LEU A 181 12.85 -9.54 1.54
CA LEU A 181 14.14 -9.04 1.16
C LEU A 181 13.99 -7.89 0.20
N ARG A 182 14.41 -6.70 0.66
CA ARG A 182 14.57 -5.51 -0.20
C ARG A 182 15.91 -5.64 -0.91
N LEU A 183 15.85 -5.63 -2.22
CA LEU A 183 16.99 -6.11 -3.00
C LEU A 183 17.74 -4.98 -3.74
N ALA A 184 19.06 -5.03 -3.70
CA ALA A 184 19.89 -4.32 -4.69
C ALA A 184 19.53 -4.91 -6.06
N ASN A 185 20.05 -4.35 -7.14
CA ASN A 185 19.80 -4.84 -8.48
C ASN A 185 20.58 -6.13 -8.66
N VAL A 186 19.87 -7.24 -8.80
CA VAL A 186 20.52 -8.56 -8.88
C VAL A 186 20.93 -8.85 -10.32
N THR A 187 22.14 -9.39 -10.50
CA THR A 187 22.64 -9.66 -11.83
C THR A 187 22.86 -11.16 -11.94
N GLY A 188 22.85 -11.72 -13.14
CA GLY A 188 23.02 -13.17 -13.26
C GLY A 188 22.34 -13.67 -14.51
N PRO A 189 22.23 -15.01 -14.64
CA PRO A 189 21.67 -15.63 -15.85
C PRO A 189 20.29 -15.10 -16.25
N ARG A 190 20.17 -14.72 -17.52
CA ARG A 190 18.90 -14.32 -18.11
C ARG A 190 18.43 -12.90 -17.79
N LEU A 191 19.26 -12.11 -17.09
CA LEU A 191 18.97 -10.70 -16.94
C LEU A 191 19.16 -10.02 -18.29
N ALA A 192 18.07 -9.53 -18.84
CA ALA A 192 18.06 -9.01 -20.21
C ALA A 192 17.60 -7.56 -20.33
N ILE A 193 17.47 -6.85 -19.20
CA ILE A 193 17.06 -5.44 -19.21
C ILE A 193 18.01 -4.60 -18.38
N GLY A 194 17.91 -3.27 -18.51
CA GLY A 194 18.68 -2.36 -17.71
C GLY A 194 19.94 -1.92 -18.43
N PRO A 195 20.78 -1.14 -17.73
CA PRO A 195 21.98 -0.56 -18.33
C PRO A 195 23.04 -1.59 -18.73
N ILE A 196 23.14 -2.69 -17.99
CA ILE A 196 24.20 -3.66 -18.28
C ILE A 196 24.10 -4.25 -19.69
N PRO A 197 22.98 -4.94 -20.03
CA PRO A 197 22.84 -5.44 -21.40
C PRO A 197 22.70 -4.34 -22.46
N THR A 198 22.18 -3.18 -22.07
CA THR A 198 22.10 -2.04 -22.98
C THR A 198 23.51 -1.60 -23.40
N PHE A 199 24.37 -1.29 -22.44
CA PHE A 199 25.75 -0.93 -22.72
C PHE A 199 26.50 -2.08 -23.44
N TYR A 200 26.17 -3.32 -23.12
CA TYR A 200 26.80 -4.46 -23.79
C TYR A 200 26.45 -4.47 -25.29
N LYS A 201 25.16 -4.49 -25.62
CA LYS A 201 24.72 -4.54 -27.03
C LYS A 201 25.09 -3.29 -27.80
N ARG A 202 25.02 -2.12 -27.17
CA ARG A 202 25.32 -0.86 -27.86
C ARG A 202 26.80 -0.70 -28.13
N LEU A 203 27.64 -0.92 -27.11
CA LEU A 203 29.09 -0.72 -27.26
C LEU A 203 29.75 -1.68 -28.27
N LYS A 204 29.36 -2.95 -28.23
CA LYS A 204 29.87 -3.93 -29.18
C LYS A 204 29.45 -3.59 -30.61
N ALA A 205 28.23 -3.13 -30.76
CA ALA A 205 27.72 -2.64 -32.00
C ALA A 205 28.18 -1.24 -32.36
N GLY A 206 28.99 -0.62 -31.51
CA GLY A 206 29.31 0.77 -31.64
C GLY A 206 28.20 1.79 -31.75
N GLN A 207 27.03 1.53 -31.18
CA GLN A 207 25.98 2.53 -31.10
C GLN A 207 26.22 3.61 -29.97
N LYS A 208 25.44 4.70 -29.93
CA LYS A 208 25.66 5.79 -28.98
C LYS A 208 24.94 5.50 -27.67
N CYS A 209 25.68 5.62 -26.57
CA CYS A 209 25.13 5.31 -25.25
C CYS A 209 24.98 6.57 -24.39
N PHE A 210 24.16 6.50 -23.33
CA PHE A 210 24.11 7.55 -22.32
C PHE A 210 23.98 6.88 -20.93
N CYS A 211 24.39 7.64 -19.91
CA CYS A 211 24.29 7.25 -18.53
C CYS A 211 23.47 8.31 -17.81
N SER A 212 22.45 7.91 -17.04
CA SER A 212 21.83 8.83 -16.08
CA SER A 212 21.85 8.87 -16.12
C SER A 212 22.85 9.15 -15.00
N ASP A 213 22.82 10.36 -14.46
CA ASP A 213 23.70 10.71 -13.36
C ASP A 213 22.99 10.17 -12.11
N THR A 214 23.05 8.85 -11.96
CA THR A 214 22.40 8.15 -10.82
C THR A 214 23.35 7.12 -10.21
N VAL A 215 23.06 6.71 -8.96
CA VAL A 215 23.89 5.76 -8.21
C VAL A 215 22.96 4.63 -7.74
N ARG A 216 23.44 3.39 -7.91
CA ARG A 216 22.66 2.18 -7.59
C ARG A 216 23.56 1.19 -6.87
N ASP A 217 22.99 0.16 -6.22
CA ASP A 217 23.76 -1.01 -5.84
C ASP A 217 23.48 -2.24 -6.71
N PHE A 218 24.47 -3.13 -6.81
CA PHE A 218 24.39 -4.29 -7.71
C PHE A 218 24.84 -5.52 -6.94
N LEU A 219 24.10 -6.62 -7.11
CA LEU A 219 24.35 -7.84 -6.31
C LEU A 219 24.52 -9.08 -7.21
N ASP A 220 25.61 -9.83 -7.02
CA ASP A 220 25.78 -11.03 -7.82
C ASP A 220 24.73 -12.07 -7.45
N MET A 221 24.21 -12.78 -8.45
CA MET A 221 23.31 -13.94 -8.25
C MET A 221 23.76 -14.91 -7.16
N SER A 222 25.02 -15.30 -7.14
CA SER A 222 25.50 -16.18 -6.06
C SER A 222 25.18 -15.70 -4.63
N ASP A 223 25.34 -14.40 -4.38
CA ASP A 223 25.05 -13.79 -3.06
C ASP A 223 23.56 -13.71 -2.76
N PHE A 224 22.77 -13.51 -3.83
CA PHE A 224 21.33 -13.61 -3.74
C PHE A 224 20.87 -15.04 -3.35
N LEU A 225 21.44 -16.06 -4.02
CA LEU A 225 21.07 -17.44 -3.69
C LEU A 225 21.42 -17.79 -2.26
N ALA A 226 22.55 -17.26 -1.76
CA ALA A 226 23.02 -17.52 -0.38
C ALA A 226 22.03 -16.98 0.68
N ILE A 227 21.57 -15.76 0.52
CA ILE A 227 20.56 -15.18 1.44
C ILE A 227 19.15 -15.81 1.29
N ALA A 228 18.76 -16.13 0.05
CA ALA A 228 17.52 -16.90 -0.17
C ALA A 228 17.51 -18.22 0.59
N ASP A 229 18.62 -18.94 0.52
CA ASP A 229 18.82 -20.18 1.26
C ASP A 229 18.66 -20.00 2.77
N LEU A 230 19.33 -18.98 3.32
CA LEU A 230 19.24 -18.69 4.75
C LEU A 230 17.83 -18.35 5.19
N SER A 231 17.12 -17.59 4.34
CA SER A 231 15.78 -17.09 4.66
C SER A 231 14.78 -18.24 4.84
N LEU A 232 15.03 -19.37 4.18
CA LEU A 232 14.10 -20.53 4.26
C LEU A 232 14.43 -21.53 5.38
N GLN A 233 15.45 -21.27 6.19
CA GLN A 233 15.83 -22.21 7.26
C GLN A 233 15.05 -21.99 8.55
N GLU A 234 14.65 -23.11 9.17
CA GLU A 234 13.87 -23.08 10.39
CA GLU A 234 13.87 -23.09 10.42
C GLU A 234 14.52 -22.22 11.45
N GLY A 235 13.73 -21.34 12.06
CA GLY A 235 14.20 -20.55 13.21
C GLY A 235 15.20 -19.47 12.88
N ARG A 236 15.35 -19.16 11.60
CA ARG A 236 16.11 -17.96 11.25
C ARG A 236 15.20 -16.73 11.46
N PRO A 237 15.81 -15.52 11.52
CA PRO A 237 15.11 -14.24 11.70
C PRO A 237 13.94 -14.05 10.73
N THR A 238 12.95 -13.28 11.15
CA THR A 238 11.83 -12.93 10.25
C THR A 238 11.76 -11.42 10.16
N GLY A 239 11.07 -10.90 9.14
CA GLY A 239 10.88 -9.46 9.00
C GLY A 239 11.43 -8.93 7.69
N VAL A 240 11.67 -7.62 7.62
CA VAL A 240 12.20 -7.00 6.39
C VAL A 240 13.71 -6.81 6.55
N PHE A 241 14.44 -7.05 5.45
CA PHE A 241 15.91 -7.02 5.43
C PHE A 241 16.43 -6.47 4.08
N ASN A 242 17.51 -5.68 4.14
CA ASN A 242 18.18 -5.10 2.96
C ASN A 242 19.24 -6.06 2.47
N VAL A 243 19.23 -6.35 1.18
CA VAL A 243 20.18 -7.36 0.64
C VAL A 243 21.02 -6.62 -0.39
N SER A 244 22.32 -6.45 -0.10
CA SER A 244 23.23 -5.59 -0.87
CA SER A 244 23.25 -5.69 -0.92
C SER A 244 24.66 -5.75 -0.37
N THR A 245 25.61 -5.20 -1.11
CA THR A 245 26.96 -5.07 -0.57
C THR A 245 27.04 -3.82 0.30
N GLY A 246 26.07 -2.91 0.15
CA GLY A 246 26.01 -1.63 0.85
C GLY A 246 26.83 -0.55 0.18
N GLU A 247 27.31 -0.84 -1.03
CA GLU A 247 28.15 0.07 -1.80
C GLU A 247 27.41 0.52 -3.04
N GLY A 248 27.49 1.79 -3.35
CA GLY A 248 26.80 2.33 -4.51
C GLY A 248 27.81 2.63 -5.58
N HIS A 249 27.39 2.43 -6.83
CA HIS A 249 28.21 2.82 -7.97
C HIS A 249 27.36 3.54 -8.98
N SER A 250 27.93 4.54 -9.64
CA SER A 250 27.20 5.27 -10.67
C SER A 250 26.94 4.42 -11.90
N ILE A 251 25.92 4.76 -12.67
CA ILE A 251 25.74 4.16 -13.98
C ILE A 251 27.01 4.30 -14.87
N LYS A 252 27.67 5.45 -14.81
CA LYS A 252 28.93 5.69 -15.52
C LYS A 252 30.01 4.66 -15.16
N GLU A 253 30.09 4.31 -13.88
CA GLU A 253 31.02 3.26 -13.43
C GLU A 253 30.70 1.91 -14.06
N VAL A 254 29.41 1.60 -14.17
CA VAL A 254 28.95 0.38 -14.85
C VAL A 254 29.44 0.43 -16.28
N PHE A 255 29.05 1.48 -17.00
CA PHE A 255 29.54 1.77 -18.35
C PHE A 255 31.08 1.56 -18.53
N ASP A 256 31.88 2.20 -17.68
CA ASP A 256 33.35 2.04 -17.73
C ASP A 256 33.83 0.59 -17.58
N VAL A 257 33.12 -0.19 -16.77
CA VAL A 257 33.45 -1.61 -16.64
C VAL A 257 33.15 -2.34 -17.97
N VAL A 258 31.98 -2.05 -18.54
CA VAL A 258 31.55 -2.77 -19.73
C VAL A 258 32.45 -2.41 -20.92
N LEU A 259 32.76 -1.13 -21.05
CA LEU A 259 33.63 -0.63 -22.12
C LEU A 259 35.03 -1.27 -22.12
N ASP A 260 35.66 -1.32 -20.94
CA ASP A 260 36.92 -2.00 -20.76
C ASP A 260 36.78 -3.50 -21.09
N TYR A 261 35.70 -4.11 -20.62
CA TYR A 261 35.48 -5.55 -20.81
C TYR A 261 35.37 -5.93 -22.29
N VAL A 262 34.50 -5.22 -23.02
CA VAL A 262 34.28 -5.50 -24.45
C VAL A 262 35.39 -4.89 -25.32
N GLY A 263 36.25 -4.08 -24.71
CA GLY A 263 37.47 -3.59 -25.35
C GLY A 263 37.24 -2.54 -26.43
N ALA A 264 36.13 -1.81 -26.31
CA ALA A 264 35.80 -0.75 -27.26
C ALA A 264 36.46 0.59 -26.91
N THR A 265 36.67 1.39 -27.94
CA THR A 265 37.02 2.81 -27.76
C THR A 265 35.89 3.68 -28.31
N LEU A 266 35.64 4.80 -27.64
CA LEU A 266 34.56 5.74 -27.97
C LEU A 266 35.00 6.82 -28.94
N ALA A 267 34.09 7.22 -29.83
CA ALA A 267 34.34 8.34 -30.73
C ALA A 267 34.29 9.67 -29.95
N GLU A 268 33.29 9.78 -29.07
CA GLU A 268 33.05 10.97 -28.23
C GLU A 268 32.80 10.56 -26.78
N PRO A 269 32.94 11.49 -25.83
CA PRO A 269 32.60 11.14 -24.44
C PRO A 269 31.15 10.61 -24.29
N VAL A 270 30.90 9.62 -23.42
CA VAL A 270 29.52 9.24 -23.11
C VAL A 270 28.81 10.40 -22.36
N PRO A 271 27.60 10.78 -22.81
CA PRO A 271 26.91 11.80 -22.00
C PRO A 271 26.53 11.22 -20.64
N VAL A 272 26.73 12.01 -19.58
CA VAL A 272 26.19 11.65 -18.26
C VAL A 272 25.12 12.71 -17.91
N VAL A 273 23.85 12.32 -17.94
CA VAL A 273 22.76 13.31 -17.97
C VAL A 273 21.94 13.33 -16.69
N ALA A 274 21.27 14.44 -16.45
CA ALA A 274 20.49 14.58 -15.22
C ALA A 274 19.35 13.55 -15.26
N PRO A 275 19.03 12.96 -14.10
CA PRO A 275 17.90 12.01 -14.17
C PRO A 275 16.54 12.69 -14.42
N GLY A 276 15.61 11.96 -15.04
CA GLY A 276 14.21 12.39 -15.14
C GLY A 276 13.62 12.62 -13.75
N ALA A 277 12.45 13.27 -13.73
CA ALA A 277 11.78 13.68 -12.48
C ALA A 277 11.52 12.54 -11.48
N ASP A 278 11.22 11.34 -11.98
CA ASP A 278 10.89 10.19 -11.12
C ASP A 278 12.03 9.19 -10.92
N ASP A 279 13.17 9.46 -11.56
CA ASP A 279 14.36 8.63 -11.46
C ASP A 279 15.18 9.08 -10.22
N VAL A 280 14.99 8.36 -9.11
CA VAL A 280 15.62 8.68 -7.82
C VAL A 280 17.14 8.69 -7.95
N PRO A 281 17.79 9.84 -7.62
CA PRO A 281 19.22 9.91 -7.93
C PRO A 281 20.16 8.85 -7.32
N SER A 282 20.01 8.55 -6.04
CA SER A 282 20.80 7.51 -5.39
C SER A 282 19.88 6.56 -4.63
N VAL A 283 20.05 5.27 -4.90
CA VAL A 283 19.33 4.19 -4.21
C VAL A 283 20.36 3.10 -3.91
N VAL A 284 20.81 3.05 -2.66
CA VAL A 284 21.82 2.10 -2.21
C VAL A 284 21.30 1.61 -0.86
N LEU A 285 21.30 0.30 -0.64
CA LEU A 285 20.77 -0.27 0.60
C LEU A 285 21.86 -0.58 1.62
N ASP A 286 21.57 -0.30 2.89
CA ASP A 286 22.47 -0.66 4.02
C ASP A 286 22.11 -2.07 4.51
N PRO A 287 23.04 -3.04 4.35
CA PRO A 287 22.77 -4.43 4.71
C PRO A 287 23.13 -4.84 6.16
N SER A 288 23.72 -3.93 6.95
CA SER A 288 24.21 -4.28 8.29
C SER A 288 23.31 -5.22 9.16
N LYS A 289 21.99 -4.97 9.21
CA LYS A 289 21.09 -5.76 10.06
C LYS A 289 20.94 -7.19 9.53
N THR A 290 21.02 -7.34 8.22
CA THR A 290 20.99 -8.64 7.57
C THR A 290 22.28 -9.42 7.89
N GLU A 291 23.40 -8.71 7.95
CA GLU A 291 24.67 -9.29 8.31
CA GLU A 291 24.68 -9.28 8.33
C GLU A 291 24.65 -9.72 9.79
N THR A 292 24.13 -8.87 10.67
CA THR A 292 24.01 -9.18 12.10
C THR A 292 23.13 -10.42 12.34
N GLU A 293 21.96 -10.43 11.76
CA GLU A 293 20.95 -11.42 12.12
C GLU A 293 21.08 -12.74 11.39
N PHE A 294 21.48 -12.71 10.12
CA PHE A 294 21.63 -13.93 9.32
C PHE A 294 23.08 -14.45 9.25
N GLY A 295 24.04 -13.60 9.57
CA GLY A 295 25.44 -13.99 9.48
C GLY A 295 25.91 -13.96 8.05
N TRP A 296 25.17 -13.26 7.19
CA TRP A 296 25.38 -13.24 5.75
C TRP A 296 26.13 -11.97 5.35
N LYS A 297 27.01 -12.08 4.36
CA LYS A 297 27.65 -10.91 3.77
C LYS A 297 27.83 -11.22 2.28
N ALA A 298 27.53 -10.24 1.43
CA ALA A 298 27.75 -10.38 0.00
C ALA A 298 29.26 -10.55 -0.22
N LYS A 299 29.63 -11.57 -0.99
CA LYS A 299 31.03 -11.90 -1.26
C LYS A 299 31.60 -11.33 -2.58
N VAL A 300 30.73 -10.90 -3.49
CA VAL A 300 31.19 -10.53 -4.84
C VAL A 300 31.17 -9.01 -5.02
N ASP A 301 32.35 -8.43 -5.23
CA ASP A 301 32.45 -6.99 -5.44
C ASP A 301 31.79 -6.48 -6.74
N PHE A 302 31.84 -5.17 -6.95
CA PHE A 302 31.11 -4.55 -8.04
C PHE A 302 31.64 -5.00 -9.41
N LYS A 303 32.96 -4.90 -9.59
CA LYS A 303 33.56 -5.19 -10.86
C LYS A 303 33.37 -6.64 -11.26
N ASP A 304 33.51 -7.55 -10.29
CA ASP A 304 33.27 -8.98 -10.54
C ASP A 304 31.80 -9.30 -10.82
N THR A 305 30.91 -8.60 -10.13
CA THR A 305 29.48 -8.68 -10.38
C THR A 305 29.10 -8.29 -11.83
N ILE A 306 29.54 -7.10 -12.27
CA ILE A 306 29.27 -6.66 -13.63
C ILE A 306 29.93 -7.58 -14.67
N THR A 307 31.22 -7.87 -14.49
CA THR A 307 31.93 -8.70 -15.48
C THR A 307 31.37 -10.13 -15.55
N GLY A 308 30.90 -10.65 -14.42
CA GLY A 308 30.15 -11.89 -14.36
C GLY A 308 28.88 -11.84 -15.21
N GLN A 309 28.11 -10.77 -15.13
CA GLN A 309 27.01 -10.56 -16.05
C GLN A 309 27.47 -10.60 -17.52
N LEU A 310 28.52 -9.83 -17.84
CA LEU A 310 29.03 -9.77 -19.22
C LEU A 310 29.53 -11.11 -19.75
N ALA A 311 30.16 -11.91 -18.89
CA ALA A 311 30.73 -13.20 -19.28
C ALA A 311 29.61 -14.17 -19.67
N TRP A 312 28.48 -14.08 -18.96
CA TRP A 312 27.28 -14.86 -19.29
C TRP A 312 26.78 -14.48 -20.69
N TYR A 313 26.65 -13.18 -20.94
CA TYR A 313 26.30 -12.64 -22.27
C TYR A 313 27.24 -13.11 -23.39
N ASP A 314 28.55 -13.13 -23.11
CA ASP A 314 29.54 -13.67 -24.04
C ASP A 314 29.14 -15.05 -24.49
N LYS A 315 28.76 -15.86 -23.49
CA LYS A 315 28.48 -17.28 -23.65
C LYS A 315 27.11 -17.58 -24.29
N TYR A 316 26.06 -16.85 -23.92
CA TYR A 316 24.68 -17.22 -24.28
C TYR A 316 23.90 -16.17 -25.08
N GLY A 317 24.47 -14.98 -25.15
CA GLY A 317 23.79 -13.85 -25.74
C GLY A 317 23.01 -13.11 -24.68
N VAL A 318 22.45 -11.98 -25.08
CA VAL A 318 21.54 -11.22 -24.24
C VAL A 318 20.17 -11.86 -24.46
N THR A 319 19.82 -12.79 -23.58
CA THR A 319 18.63 -13.62 -23.73
C THR A 319 18.05 -13.91 -22.35
N ASP A 320 16.72 -13.87 -22.23
CA ASP A 320 16.03 -14.35 -21.01
C ASP A 320 15.46 -15.78 -21.19
N ILE A 321 15.90 -16.50 -22.23
CA ILE A 321 15.34 -17.84 -22.47
C ILE A 321 16.34 -19.00 -22.48
N PHE A 322 17.64 -18.74 -22.29
CA PHE A 322 18.57 -19.86 -22.20
C PHE A 322 18.46 -20.56 -20.84
N SER A 323 18.11 -21.85 -20.85
CA SER A 323 17.94 -22.62 -19.62
C SER A 323 19.20 -23.43 -19.31
N HIS A 324 19.65 -23.45 -18.06
CA HIS A 324 20.78 -24.31 -17.68
C HIS A 324 20.31 -25.73 -17.31
N LEU A 325 19.01 -25.96 -17.42
CA LEU A 325 18.43 -27.28 -17.15
C LEU A 325 18.37 -28.10 -18.43
N SER A 326 18.56 -29.41 -18.29
CA SER A 326 18.71 -30.29 -19.45
C SER A 326 17.46 -31.14 -19.53
N ALA A 327 16.60 -30.83 -20.51
CA ALA A 327 15.43 -31.67 -20.86
C ALA A 327 16.00 -32.96 -21.47
N PRO A 328 15.18 -33.97 -21.84
CA PRO A 328 13.76 -34.23 -21.64
C PRO A 328 13.48 -35.11 -20.42
N LYS A 329 13.46 -34.50 -19.24
CA LYS A 329 13.03 -35.17 -17.98
C LYS A 329 14.20 -35.64 -17.13
N LEU B 14 -29.83 24.91 -11.80
CA LEU B 14 -28.46 25.49 -11.74
C LEU B 14 -28.27 26.57 -10.67
N VAL B 15 -28.56 26.20 -9.42
CA VAL B 15 -28.17 27.00 -8.26
C VAL B 15 -27.29 26.14 -7.36
N PRO B 16 -26.35 26.77 -6.64
CA PRO B 16 -25.98 28.18 -6.60
C PRO B 16 -24.88 28.59 -7.56
N ARG B 17 -25.00 29.84 -7.99
CA ARG B 17 -25.28 30.17 -9.35
C ARG B 17 -23.88 30.38 -9.85
N GLY B 18 -23.54 29.81 -10.99
CA GLY B 18 -22.94 28.50 -11.04
C GLY B 18 -21.71 28.47 -10.16
N SER B 19 -21.92 28.18 -8.91
CA SER B 19 -21.13 27.23 -8.22
C SER B 19 -21.97 26.05 -8.02
N HIS B 20 -22.92 25.81 -8.90
CA HIS B 20 -23.69 24.58 -8.83
C HIS B 20 -22.77 23.39 -9.17
N MET B 21 -22.81 22.38 -8.31
CA MET B 21 -22.00 21.20 -8.52
C MET B 21 -22.88 19.98 -8.80
N ARG B 22 -22.42 19.10 -9.68
CA ARG B 22 -22.92 17.73 -9.74
C ARG B 22 -21.88 16.88 -8.99
N ILE B 23 -22.25 16.42 -7.80
CA ILE B 23 -21.33 15.73 -6.89
C ILE B 23 -21.61 14.22 -6.82
N LEU B 24 -20.62 13.42 -7.17
CA LEU B 24 -20.71 11.98 -7.07
C LEU B 24 -19.96 11.65 -5.80
N ILE B 25 -20.66 11.00 -4.85
CA ILE B 25 -20.13 10.67 -3.53
C ILE B 25 -20.22 9.18 -3.36
N THR B 26 -19.06 8.53 -3.36
CA THR B 26 -18.99 7.15 -3.04
C THR B 26 -19.07 7.03 -1.54
N GLY B 27 -19.68 5.96 -1.03
CA GLY B 27 -19.79 5.86 0.44
C GLY B 27 -20.75 6.89 1.02
N GLY B 28 -21.63 7.40 0.16
CA GLY B 28 -22.60 8.44 0.53
C GLY B 28 -23.59 8.15 1.65
N ALA B 29 -23.88 6.87 1.89
CA ALA B 29 -24.81 6.43 2.93
C ALA B 29 -24.15 6.36 4.32
N GLY B 30 -22.86 6.62 4.40
CA GLY B 30 -22.11 6.52 5.64
C GLY B 30 -22.22 7.75 6.51
N CYS B 31 -21.48 7.79 7.60
CA CYS B 31 -21.48 8.93 8.50
C CYS B 31 -21.09 10.27 7.82
N LEU B 32 -19.88 10.34 7.25
CA LEU B 32 -19.47 11.59 6.60
C LEU B 32 -20.30 11.90 5.36
N GLY B 33 -20.49 10.90 4.51
CA GLY B 33 -21.25 11.04 3.27
C GLY B 33 -22.66 11.56 3.49
N SER B 34 -23.40 11.00 4.44
CA SER B 34 -24.74 11.49 4.78
C SER B 34 -24.72 12.90 5.35
N ASN B 35 -23.76 13.21 6.20
CA ASN B 35 -23.70 14.59 6.71
C ASN B 35 -23.38 15.60 5.61
N LEU B 36 -22.49 15.23 4.71
CA LEU B 36 -22.19 16.07 3.52
C LEU B 36 -23.41 16.29 2.64
N ILE B 37 -24.22 15.23 2.43
CA ILE B 37 -25.49 15.34 1.67
C ILE B 37 -26.50 16.28 2.33
N GLU B 38 -26.62 16.19 3.64
CA GLU B 38 -27.50 17.07 4.38
C GLU B 38 -27.01 18.52 4.32
N HIS B 39 -25.72 18.70 4.10
CA HIS B 39 -25.07 20.02 4.03
C HIS B 39 -25.23 20.65 2.63
N TRP B 40 -25.15 19.84 1.59
CA TRP B 40 -25.12 20.34 0.19
C TRP B 40 -26.46 20.36 -0.56
N LEU B 41 -27.29 19.35 -0.34
CA LEU B 41 -28.57 19.25 -0.99
C LEU B 41 -29.48 20.49 -0.75
N PRO B 42 -29.56 21.04 0.51
CA PRO B 42 -30.40 22.26 0.67
C PRO B 42 -29.86 23.48 -0.07
N GLN B 43 -28.59 23.41 -0.47
CA GLN B 43 -28.02 24.50 -1.24
C GLN B 43 -28.31 24.39 -2.74
N GLY B 44 -28.92 23.29 -3.19
CA GLY B 44 -29.23 23.12 -4.62
C GLY B 44 -28.30 22.26 -5.47
N HIS B 45 -27.25 21.67 -4.88
CA HIS B 45 -26.38 20.77 -5.68
C HIS B 45 -27.09 19.48 -6.05
N GLU B 46 -26.73 18.88 -7.17
CA GLU B 46 -27.15 17.52 -7.52
C GLU B 46 -26.15 16.52 -6.99
N ILE B 47 -26.67 15.44 -6.39
CA ILE B 47 -25.81 14.45 -5.76
C ILE B 47 -26.20 13.08 -6.29
N LEU B 48 -25.18 12.34 -6.70
CA LEU B 48 -25.28 10.89 -6.94
C LEU B 48 -24.44 10.14 -5.91
N VAL B 49 -25.08 9.20 -5.19
CA VAL B 49 -24.42 8.33 -4.22
C VAL B 49 -24.22 6.94 -4.82
N ILE B 50 -23.04 6.36 -4.59
CA ILE B 50 -22.76 4.96 -4.89
C ILE B 50 -22.33 4.31 -3.57
N ASP B 51 -23.06 3.30 -3.15
CA ASP B 51 -22.84 2.68 -1.85
C ASP B 51 -23.33 1.23 -1.91
N ASN B 52 -22.56 0.32 -1.33
CA ASN B 52 -22.92 -1.09 -1.31
C ASN B 52 -23.62 -1.46 -0.01
N PHE B 53 -23.80 -0.48 0.88
CA PHE B 53 -24.36 -0.63 2.25
C PHE B 53 -23.69 -1.67 3.15
N ALA B 54 -22.36 -1.76 3.07
CA ALA B 54 -21.59 -2.65 3.95
C ALA B 54 -21.73 -2.12 5.41
N THR B 55 -21.66 -0.81 5.57
CA THR B 55 -21.84 -0.22 6.91
C THR B 55 -22.85 0.93 6.89
N GLY B 56 -23.01 1.52 5.72
CA GLY B 56 -23.98 2.61 5.54
C GLY B 56 -25.40 2.12 5.45
N LYS B 57 -26.34 3.00 5.77
CA LYS B 57 -27.73 2.63 5.90
C LYS B 57 -28.64 3.22 4.81
N ARG B 58 -29.46 2.34 4.23
CA ARG B 58 -30.42 2.74 3.22
C ARG B 58 -31.36 3.86 3.70
N GLU B 59 -31.67 3.89 4.99
CA GLU B 59 -32.62 4.88 5.53
C GLU B 59 -32.15 6.34 5.47
N VAL B 60 -30.84 6.57 5.38
CA VAL B 60 -30.33 7.95 5.40
C VAL B 60 -30.37 8.63 4.02
N LEU B 61 -30.91 7.94 3.03
CA LEU B 61 -30.95 8.47 1.67
C LEU B 61 -32.38 8.40 1.16
N PRO B 62 -33.28 9.23 1.72
CA PRO B 62 -34.66 9.23 1.27
C PRO B 62 -34.78 9.75 -0.18
N PRO B 63 -35.85 9.34 -0.90
CA PRO B 63 -36.04 9.73 -2.29
C PRO B 63 -36.52 11.18 -2.39
N VAL B 64 -35.54 12.08 -2.41
CA VAL B 64 -35.72 13.51 -2.25
C VAL B 64 -35.19 14.20 -3.52
N ALA B 65 -35.74 15.35 -3.89
CA ALA B 65 -35.29 16.04 -5.11
C ALA B 65 -33.79 16.30 -5.04
N GLY B 66 -33.09 16.00 -6.14
CA GLY B 66 -31.69 16.36 -6.23
C GLY B 66 -30.75 15.26 -5.80
N LEU B 67 -31.29 14.20 -5.19
CA LEU B 67 -30.45 13.11 -4.71
C LEU B 67 -30.76 11.85 -5.47
N SER B 68 -29.73 11.19 -6.01
CA SER B 68 -29.97 9.87 -6.56
C SER B 68 -28.97 8.86 -6.05
N VAL B 69 -29.36 7.59 -6.06
CA VAL B 69 -28.57 6.54 -5.40
C VAL B 69 -28.39 5.37 -6.35
N ILE B 70 -27.16 4.89 -6.45
CA ILE B 70 -26.86 3.61 -7.11
C ILE B 70 -26.31 2.64 -6.04
N GLU B 71 -26.99 1.51 -5.87
CA GLU B 71 -26.49 0.46 -5.01
C GLU B 71 -25.50 -0.33 -5.80
N GLY B 72 -24.24 -0.19 -5.40
CA GLY B 72 -23.13 -0.88 -6.05
C GLY B 72 -21.81 -0.61 -5.35
N SER B 73 -20.75 -1.15 -5.93
CA SER B 73 -19.42 -1.11 -5.36
C SER B 73 -18.43 -0.27 -6.22
N VAL B 74 -17.52 0.48 -5.56
CA VAL B 74 -16.43 1.18 -6.24
C VAL B 74 -15.48 0.14 -6.86
N THR B 75 -15.64 -1.08 -6.44
CA THR B 75 -14.88 -2.19 -6.95
C THR B 75 -15.38 -2.62 -8.38
N ASP B 76 -16.53 -2.09 -8.80
CA ASP B 76 -17.14 -2.49 -10.08
C ASP B 76 -16.87 -1.38 -11.10
N ALA B 77 -15.83 -1.53 -11.90
CA ALA B 77 -15.42 -0.46 -12.83
C ALA B 77 -16.48 -0.20 -13.91
N GLY B 78 -17.12 -1.26 -14.41
CA GLY B 78 -18.25 -1.15 -15.34
C GLY B 78 -19.36 -0.26 -14.80
N LEU B 79 -19.76 -0.51 -13.55
CA LEU B 79 -20.76 0.31 -12.88
C LEU B 79 -20.32 1.76 -12.75
N LEU B 80 -19.09 1.97 -12.29
CA LEU B 80 -18.58 3.33 -12.17
C LEU B 80 -18.52 4.02 -13.51
N GLU B 81 -18.07 3.35 -14.57
CA GLU B 81 -18.03 3.99 -15.90
CA GLU B 81 -18.03 3.99 -15.90
C GLU B 81 -19.44 4.38 -16.33
N ARG B 82 -20.39 3.49 -16.09
CA ARG B 82 -21.80 3.81 -16.37
C ARG B 82 -22.31 5.01 -15.55
N ALA B 83 -21.99 5.05 -14.24
CA ALA B 83 -22.42 6.16 -13.38
C ALA B 83 -21.81 7.53 -13.78
N PHE B 84 -20.51 7.53 -14.04
CA PHE B 84 -19.78 8.74 -14.46
C PHE B 84 -20.28 9.23 -15.82
N ASP B 85 -20.50 8.30 -16.75
CA ASP B 85 -20.94 8.67 -18.10
C ASP B 85 -22.31 9.36 -18.13
N SER B 86 -23.26 8.90 -17.32
CA SER B 86 -24.59 9.51 -17.29
C SER B 86 -24.67 10.71 -16.37
N PHE B 87 -24.22 10.58 -15.14
CA PHE B 87 -24.31 11.69 -14.19
C PHE B 87 -23.41 12.87 -14.58
N LYS B 88 -22.26 12.59 -15.19
CA LYS B 88 -21.30 13.63 -15.58
C LYS B 88 -21.05 14.57 -14.40
N PRO B 89 -20.37 14.06 -13.34
CA PRO B 89 -20.14 14.90 -12.16
C PRO B 89 -19.09 15.95 -12.41
N THR B 90 -19.21 17.08 -11.71
CA THR B 90 -18.16 18.09 -11.74
C THR B 90 -17.17 17.83 -10.63
N HIS B 91 -17.61 17.14 -9.59
CA HIS B 91 -16.82 16.97 -8.37
C HIS B 91 -17.07 15.57 -7.85
N VAL B 92 -16.03 14.94 -7.30
CA VAL B 92 -16.17 13.64 -6.63
C VAL B 92 -15.77 13.78 -5.17
N VAL B 93 -16.55 13.15 -4.29
CA VAL B 93 -16.14 12.92 -2.91
C VAL B 93 -16.06 11.41 -2.78
N HIS B 94 -14.84 10.92 -2.51
CA HIS B 94 -14.58 9.50 -2.31
C HIS B 94 -14.62 9.18 -0.82
N SER B 95 -15.75 8.65 -0.39
CA SER B 95 -15.92 8.41 1.03
C SER B 95 -16.20 6.93 1.25
N ALA B 96 -16.11 6.11 0.20
CA ALA B 96 -16.30 4.65 0.36
C ALA B 96 -15.06 4.02 0.98
N ALA B 97 -15.24 3.19 2.01
CA ALA B 97 -14.12 2.47 2.62
C ALA B 97 -14.62 1.18 3.28
N ALA B 98 -13.83 0.11 3.23
CA ALA B 98 -14.17 -1.09 3.96
C ALA B 98 -13.23 -1.22 5.18
N TYR B 99 -13.68 -1.82 6.30
CA TYR B 99 -12.85 -1.88 7.54
C TYR B 99 -13.44 -2.84 8.57
N LYS B 100 -14.70 -3.23 8.40
CA LYS B 100 -15.47 -3.81 9.54
C LYS B 100 -14.93 -5.20 9.96
N ASP B 101 -14.21 -5.87 9.07
CA ASP B 101 -13.59 -7.16 9.41
C ASP B 101 -12.07 -7.04 9.25
N PRO B 102 -11.36 -6.81 10.35
CA PRO B 102 -9.89 -6.65 10.28
C PRO B 102 -9.11 -7.82 9.67
N ASP B 103 -9.73 -9.01 9.61
CA ASP B 103 -9.14 -10.18 8.98
C ASP B 103 -9.47 -10.33 7.50
N ASP B 104 -10.41 -9.54 6.99
CA ASP B 104 -10.79 -9.67 5.56
C ASP B 104 -9.91 -8.70 4.77
N TRP B 105 -8.64 -9.06 4.68
CA TRP B 105 -7.66 -8.28 3.92
C TRP B 105 -8.05 -8.14 2.45
N ALA B 106 -8.65 -9.18 1.87
CA ALA B 106 -9.06 -9.15 0.45
C ALA B 106 -10.12 -8.07 0.21
N GLU B 107 -11.08 -7.96 1.10
CA GLU B 107 -12.09 -6.91 0.98
C GLU B 107 -11.56 -5.46 1.19
N ASP B 108 -10.70 -5.28 2.18
CA ASP B 108 -10.12 -3.97 2.44
C ASP B 108 -9.28 -3.61 1.23
N ALA B 109 -8.48 -4.56 0.68
CA ALA B 109 -7.72 -4.25 -0.54
C ALA B 109 -8.59 -3.95 -1.76
N ALA B 110 -9.63 -4.74 -1.99
CA ALA B 110 -10.54 -4.51 -3.11
C ALA B 110 -11.21 -3.12 -2.95
N THR B 111 -11.76 -2.83 -1.78
CA THR B 111 -12.50 -1.57 -1.67
C THR B 111 -11.52 -0.39 -1.59
N ASN B 112 -10.55 -0.47 -0.69
CA ASN B 112 -9.70 0.69 -0.42
C ASN B 112 -8.59 0.98 -1.41
N VAL B 113 -8.07 -0.06 -2.05
CA VAL B 113 -7.04 0.14 -3.07
C VAL B 113 -7.69 0.12 -4.46
N GLN B 114 -8.29 -1.01 -4.84
CA GLN B 114 -8.83 -1.17 -6.20
CA GLN B 114 -8.83 -1.20 -6.19
C GLN B 114 -9.99 -0.22 -6.43
N GLY B 115 -10.80 -0.03 -5.40
CA GLY B 115 -11.89 0.99 -5.46
C GLY B 115 -11.38 2.42 -5.66
N SER B 116 -10.32 2.80 -4.92
CA SER B 116 -9.70 4.12 -5.13
C SER B 116 -9.13 4.31 -6.56
N ILE B 117 -8.48 3.27 -7.11
CA ILE B 117 -7.98 3.28 -8.47
C ILE B 117 -9.13 3.46 -9.44
N ASN B 118 -10.21 2.71 -9.25
CA ASN B 118 -11.33 2.74 -10.21
C ASN B 118 -11.94 4.14 -10.20
N VAL B 119 -12.08 4.71 -9.01
CA VAL B 119 -12.66 6.03 -8.92
C VAL B 119 -11.77 7.10 -9.57
N ALA B 120 -10.46 7.03 -9.37
CA ALA B 120 -9.49 7.98 -9.97
C ALA B 120 -9.53 7.95 -11.49
N LYS B 121 -9.42 6.75 -12.02
CA LYS B 121 -9.48 6.48 -13.48
C LYS B 121 -10.80 6.99 -14.06
N ALA B 122 -11.93 6.60 -13.48
CA ALA B 122 -13.23 7.17 -13.89
C ALA B 122 -13.30 8.71 -13.78
N ALA B 123 -12.81 9.28 -12.69
CA ALA B 123 -12.87 10.75 -12.54
C ALA B 123 -12.02 11.48 -13.58
N SER B 124 -10.86 10.90 -13.92
CA SER B 124 -9.97 11.45 -14.95
C SER B 124 -10.60 11.38 -16.36
N LYS B 125 -11.12 10.21 -16.71
CA LYS B 125 -11.84 10.03 -17.96
C LYS B 125 -13.02 11.04 -18.07
N ALA B 126 -13.72 11.28 -16.97
CA ALA B 126 -14.88 12.18 -16.96
C ALA B 126 -14.52 13.68 -16.84
N GLY B 127 -13.24 14.00 -16.76
CA GLY B 127 -12.79 15.38 -16.55
C GLY B 127 -13.41 16.10 -15.35
N VAL B 128 -13.46 15.41 -14.22
CA VAL B 128 -13.93 15.96 -12.94
C VAL B 128 -13.00 17.13 -12.52
N LYS B 129 -13.57 18.23 -12.01
CA LYS B 129 -12.77 19.40 -11.63
C LYS B 129 -11.90 19.14 -10.41
N ARG B 130 -12.48 18.52 -9.37
CA ARG B 130 -11.76 18.28 -8.12
C ARG B 130 -12.26 17.01 -7.45
N LEU B 131 -11.35 16.28 -6.79
CA LEU B 131 -11.73 15.07 -6.06
C LEU B 131 -11.26 15.18 -4.63
N LEU B 132 -12.19 14.95 -3.69
CA LEU B 132 -11.89 14.93 -2.25
C LEU B 132 -11.87 13.49 -1.69
N ASN B 133 -10.80 13.14 -0.98
CA ASN B 133 -10.62 11.84 -0.39
C ASN B 133 -10.49 12.02 1.11
N PHE B 134 -11.00 11.05 1.88
CA PHE B 134 -10.81 11.09 3.35
C PHE B 134 -9.86 9.97 3.78
N GLN B 135 -8.90 10.34 4.63
CA GLN B 135 -7.84 9.40 5.01
C GLN B 135 -7.89 9.14 6.51
N THR B 136 -7.77 7.86 6.88
CA THR B 136 -7.65 7.52 8.29
C THR B 136 -6.24 7.83 8.83
N ALA B 137 -6.17 8.35 10.06
CA ALA B 137 -4.89 8.56 10.74
C ALA B 137 -4.10 7.27 11.02
N LEU B 138 -4.74 6.10 10.85
CA LEU B 138 -4.06 4.80 10.87
C LEU B 138 -2.91 4.74 9.85
N CYS B 139 -2.97 5.65 8.87
CA CYS B 139 -1.96 5.71 7.82
C CYS B 139 -0.58 6.05 8.42
N TYR B 140 -0.58 6.75 9.56
CA TYR B 140 0.68 7.09 10.20
C TYR B 140 1.23 5.97 11.07
N GLY B 141 0.43 4.93 11.35
CA GLY B 141 0.87 3.85 12.22
C GLY B 141 1.27 4.41 13.58
N ARG B 142 2.43 3.99 14.11
CA ARG B 142 2.93 4.51 15.39
CA ARG B 142 2.91 4.52 15.39
C ARG B 142 3.84 5.71 15.11
N PRO B 143 3.36 6.95 15.38
CA PRO B 143 4.11 8.15 15.00
C PRO B 143 5.34 8.43 15.87
N ALA B 144 6.36 9.03 15.28
CA ALA B 144 7.57 9.42 16.03
C ALA B 144 7.30 10.70 16.85
N THR B 145 6.49 11.60 16.30
CA THR B 145 6.11 12.87 16.94
C THR B 145 4.59 13.10 16.92
N VAL B 146 4.07 13.59 18.04
CA VAL B 146 2.67 13.91 18.23
C VAL B 146 2.63 15.29 18.87
N PRO B 147 1.76 16.20 18.39
CA PRO B 147 0.87 16.03 17.23
C PRO B 147 1.61 15.70 15.92
N ILE B 148 0.93 15.03 15.00
CA ILE B 148 1.60 14.41 13.88
C ILE B 148 1.73 15.41 12.73
N PRO B 149 2.97 15.72 12.32
CA PRO B 149 3.17 16.64 11.19
C PRO B 149 2.74 16.00 9.88
N ILE B 150 2.34 16.83 8.91
CA ILE B 150 1.78 16.36 7.64
C ILE B 150 2.84 15.66 6.79
N ASP B 151 4.12 15.96 7.04
CA ASP B 151 5.20 15.28 6.32
C ASP B 151 5.73 14.04 7.02
N SER B 152 5.09 13.62 8.11
CA SER B 152 5.36 12.33 8.76
C SER B 152 5.19 11.18 7.78
N PRO B 153 6.01 10.13 7.93
CA PRO B 153 5.82 9.03 7.00
C PRO B 153 4.53 8.27 7.22
N THR B 154 4.04 7.60 6.19
CA THR B 154 3.00 6.60 6.40
C THR B 154 3.71 5.27 6.77
N ALA B 155 3.12 4.57 7.74
CA ALA B 155 3.73 3.37 8.34
C ALA B 155 2.60 2.51 8.95
N PRO B 156 1.52 2.24 8.16
CA PRO B 156 0.40 1.43 8.63
C PRO B 156 0.77 -0.01 8.94
N PHE B 157 0.05 -0.64 9.87
CA PHE B 157 0.35 -2.04 10.16
C PHE B 157 -0.93 -2.84 10.42
N THR B 158 -2.08 -2.26 10.07
CA THR B 158 -3.36 -2.97 10.08
C THR B 158 -3.93 -3.03 8.65
N SER B 159 -4.87 -3.95 8.43
CA SER B 159 -5.47 -4.10 7.09
C SER B 159 -6.05 -2.79 6.52
N TYR B 160 -6.88 -2.15 7.36
CA TYR B 160 -7.49 -0.88 7.04
C TYR B 160 -6.45 0.21 6.74
N GLY B 161 -5.47 0.39 7.61
CA GLY B 161 -4.42 1.37 7.41
C GLY B 161 -3.60 1.12 6.13
N ILE B 162 -3.22 -0.14 5.90
CA ILE B 162 -2.36 -0.49 4.76
C ILE B 162 -3.09 -0.24 3.44
N SER B 163 -4.33 -0.73 3.37
CA SER B 163 -5.14 -0.59 2.16
C SER B 163 -5.49 0.90 1.94
N LYS B 164 -5.86 1.62 2.99
CA LYS B 164 -6.15 3.04 2.86
C LYS B 164 -4.95 3.88 2.46
N THR B 165 -3.76 3.50 2.93
CA THR B 165 -2.51 4.19 2.58
C THR B 165 -2.24 4.06 1.08
N ALA B 166 -2.37 2.84 0.55
CA ALA B 166 -2.15 2.61 -0.91
C ALA B 166 -3.25 3.28 -1.78
N GLY B 167 -4.50 3.17 -1.35
CA GLY B 167 -5.61 3.84 -2.09
C GLY B 167 -5.32 5.33 -2.25
N GLU B 168 -4.88 5.96 -1.16
CA GLU B 168 -4.56 7.40 -1.16
C GLU B 168 -3.39 7.71 -2.08
N ALA B 169 -2.39 6.83 -2.08
CA ALA B 169 -1.22 7.10 -2.87
C ALA B 169 -1.52 6.93 -4.37
N PHE B 170 -2.36 5.97 -4.74
CA PHE B 170 -2.89 5.95 -6.11
C PHE B 170 -3.65 7.19 -6.51
N LEU B 171 -4.58 7.66 -5.66
CA LEU B 171 -5.33 8.87 -5.97
C LEU B 171 -4.40 10.08 -6.24
N MET B 172 -3.32 10.17 -5.47
CA MET B 172 -2.32 11.27 -5.61
C MET B 172 -1.58 11.25 -6.95
N MET B 173 -1.58 10.10 -7.65
CA MET B 173 -0.98 9.99 -8.97
CA MET B 173 -0.97 10.01 -8.96
C MET B 173 -1.92 10.48 -10.08
N SER B 174 -3.17 10.73 -9.74
CA SER B 174 -4.18 11.15 -10.72
C SER B 174 -3.84 12.51 -11.33
N ASP B 175 -4.27 12.74 -12.56
CA ASP B 175 -4.15 14.10 -13.13
C ASP B 175 -5.32 15.03 -12.69
N VAL B 176 -6.35 14.44 -12.07
CA VAL B 176 -7.43 15.20 -11.42
C VAL B 176 -6.86 15.85 -10.16
N PRO B 177 -7.14 17.15 -9.95
CA PRO B 177 -6.75 17.75 -8.66
C PRO B 177 -7.35 16.97 -7.50
N VAL B 178 -6.50 16.53 -6.59
CA VAL B 178 -7.00 15.76 -5.47
C VAL B 178 -6.59 16.40 -4.13
N VAL B 179 -7.56 16.48 -3.23
CA VAL B 179 -7.31 16.77 -1.83
C VAL B 179 -7.61 15.51 -1.02
N SER B 180 -6.65 15.06 -0.20
CA SER B 180 -6.88 13.94 0.69
C SER B 180 -6.75 14.47 2.11
N LEU B 181 -7.82 14.43 2.89
CA LEU B 181 -7.80 14.95 4.24
C LEU B 181 -7.57 13.83 5.27
N ARG B 182 -6.44 13.87 5.97
CA ARG B 182 -6.23 12.96 7.10
C ARG B 182 -7.03 13.51 8.26
N LEU B 183 -7.98 12.74 8.78
CA LEU B 183 -8.97 13.33 9.71
C LEU B 183 -8.81 13.05 11.20
N ALA B 184 -9.22 14.01 12.06
CA ALA B 184 -9.41 13.73 13.46
C ALA B 184 -10.65 12.83 13.54
N ASN B 185 -10.99 12.36 14.75
CA ASN B 185 -12.26 11.64 14.91
C ASN B 185 -13.42 12.62 14.86
N VAL B 186 -14.22 12.50 13.79
CA VAL B 186 -15.31 13.45 13.49
C VAL B 186 -16.55 13.07 14.29
N THR B 187 -17.16 14.04 14.96
CA THR B 187 -18.36 13.72 15.73
C THR B 187 -19.48 14.43 15.06
N GLY B 188 -20.69 13.91 15.21
CA GLY B 188 -21.84 14.61 14.66
C GLY B 188 -23.01 13.68 14.46
N PRO B 189 -24.04 14.14 13.73
CA PRO B 189 -25.22 13.32 13.54
C PRO B 189 -24.88 11.94 13.01
N ARG B 190 -25.49 10.94 13.64
CA ARG B 190 -25.48 9.52 13.22
C ARG B 190 -24.20 8.74 13.53
N LEU B 191 -23.28 9.37 14.27
CA LEU B 191 -22.12 8.65 14.78
C LEU B 191 -22.70 7.77 15.87
N ALA B 192 -22.77 6.48 15.61
CA ALA B 192 -23.36 5.56 16.59
C ALA B 192 -22.32 4.54 17.11
N ILE B 193 -21.04 4.77 16.78
CA ILE B 193 -19.97 3.93 17.32
C ILE B 193 -18.91 4.68 18.15
N GLY B 194 -18.14 3.91 18.91
CA GLY B 194 -16.99 4.48 19.60
C GLY B 194 -17.22 4.74 21.07
N PRO B 195 -16.23 5.37 21.72
CA PRO B 195 -16.38 5.64 23.14
C PRO B 195 -17.54 6.58 23.49
N ILE B 196 -17.82 7.62 22.70
CA ILE B 196 -18.88 8.59 23.05
C ILE B 196 -20.28 7.98 23.20
N PRO B 197 -20.82 7.30 22.15
CA PRO B 197 -22.14 6.68 22.41
C PRO B 197 -22.11 5.55 23.43
N THR B 198 -20.97 4.89 23.59
CA THR B 198 -20.90 3.81 24.55
C THR B 198 -21.02 4.36 25.97
N PHE B 199 -20.28 5.42 26.25
CA PHE B 199 -20.34 6.06 27.56
C PHE B 199 -21.72 6.64 27.79
N TYR B 200 -22.30 7.24 26.75
CA TYR B 200 -23.62 7.85 26.90
C TYR B 200 -24.64 6.82 27.34
N LYS B 201 -24.77 5.75 26.56
CA LYS B 201 -25.77 4.72 26.80
C LYS B 201 -25.58 4.06 28.16
N ARG B 202 -24.35 3.65 28.44
CA ARG B 202 -24.05 2.87 29.65
C ARG B 202 -24.20 3.70 30.91
N LEU B 203 -23.70 4.95 30.88
CA LEU B 203 -23.83 5.83 32.06
C LEU B 203 -25.29 6.11 32.40
N LYS B 204 -26.12 6.31 31.37
CA LYS B 204 -27.55 6.54 31.56
C LYS B 204 -28.28 5.29 32.06
N ALA B 205 -27.78 4.13 31.64
CA ALA B 205 -28.32 2.86 32.10
C ALA B 205 -27.80 2.46 33.49
N GLY B 206 -26.86 3.25 34.03
CA GLY B 206 -26.18 2.90 35.28
C GLY B 206 -25.30 1.67 35.15
N GLN B 207 -24.74 1.45 33.95
CA GLN B 207 -23.85 0.33 33.65
C GLN B 207 -22.39 0.73 33.82
N LYS B 208 -21.54 -0.23 34.20
CA LYS B 208 -20.12 0.04 34.39
C LYS B 208 -19.39 0.16 33.05
N CYS B 209 -18.48 1.14 32.96
CA CYS B 209 -17.67 1.36 31.75
C CYS B 209 -16.18 1.08 31.97
N PHE B 210 -15.39 1.28 30.91
CA PHE B 210 -13.95 1.30 31.00
C PHE B 210 -13.42 2.30 30.00
N CYS B 211 -12.23 2.85 30.27
CA CYS B 211 -11.53 3.72 29.32
C CYS B 211 -10.21 3.09 28.95
N SER B 212 -9.89 3.11 27.66
CA SER B 212 -8.55 2.73 27.25
C SER B 212 -7.62 3.92 27.53
N ASP B 213 -6.38 3.58 27.90
CA ASP B 213 -5.39 4.59 28.24
C ASP B 213 -4.73 5.11 26.95
N THR B 214 -5.53 5.81 26.14
CA THR B 214 -5.06 6.37 24.86
C THR B 214 -5.51 7.81 24.74
N VAL B 215 -4.83 8.57 23.88
CA VAL B 215 -5.11 9.99 23.60
C VAL B 215 -5.55 10.13 22.13
N ARG B 216 -6.59 10.91 21.88
CA ARG B 216 -7.14 11.07 20.52
C ARG B 216 -7.57 12.50 20.27
N ASP B 217 -7.75 12.88 19.00
CA ASP B 217 -8.34 14.20 18.72
C ASP B 217 -9.74 14.05 18.16
N PHE B 218 -10.56 15.07 18.37
CA PHE B 218 -11.97 15.06 18.03
C PHE B 218 -12.35 16.34 17.29
N LEU B 219 -13.17 16.20 16.26
CA LEU B 219 -13.47 17.34 15.45
C LEU B 219 -14.97 17.41 15.29
N ASP B 220 -15.55 18.57 15.57
CA ASP B 220 -16.99 18.76 15.35
C ASP B 220 -17.32 18.70 13.86
N MET B 221 -18.50 18.16 13.57
CA MET B 221 -18.97 18.06 12.20
C MET B 221 -18.94 19.42 11.46
N SER B 222 -19.22 20.51 12.17
CA SER B 222 -19.27 21.84 11.53
C SER B 222 -17.93 22.23 10.92
N ASP B 223 -16.85 21.94 11.64
CA ASP B 223 -15.50 22.19 11.14
C ASP B 223 -15.11 21.25 9.98
N PHE B 224 -15.51 20.00 10.08
CA PHE B 224 -15.30 19.07 8.98
C PHE B 224 -15.98 19.61 7.71
N LEU B 225 -17.22 20.08 7.87
CA LEU B 225 -17.98 20.60 6.73
C LEU B 225 -17.28 21.80 6.09
N ALA B 226 -16.76 22.71 6.92
CA ALA B 226 -16.03 23.87 6.44
C ALA B 226 -14.84 23.54 5.54
N ILE B 227 -14.01 22.58 5.94
CA ILE B 227 -12.84 22.23 5.15
C ILE B 227 -13.24 21.40 3.91
N ALA B 228 -14.34 20.65 4.01
CA ALA B 228 -14.80 19.85 2.85
C ALA B 228 -15.18 20.84 1.74
N ASP B 229 -15.90 21.89 2.13
CA ASP B 229 -16.24 23.00 1.21
C ASP B 229 -15.07 23.65 0.50
N LEU B 230 -14.04 23.98 1.26
CA LEU B 230 -12.86 24.68 0.71
C LEU B 230 -12.10 23.74 -0.24
N SER B 231 -12.08 22.45 0.10
CA SER B 231 -11.36 21.39 -0.67
C SER B 231 -11.92 21.25 -2.09
N LEU B 232 -13.22 21.53 -2.24
CA LEU B 232 -13.90 21.45 -3.54
C LEU B 232 -13.86 22.71 -4.42
N GLN B 233 -13.29 23.81 -3.92
CA GLN B 233 -13.31 25.07 -4.65
C GLN B 233 -12.20 25.12 -5.69
N GLU B 234 -12.52 25.66 -6.87
CA GLU B 234 -11.56 25.79 -7.95
C GLU B 234 -10.36 26.63 -7.51
N GLY B 235 -9.17 26.14 -7.80
CA GLY B 235 -7.93 26.89 -7.56
C GLY B 235 -7.32 26.78 -6.16
N ARG B 236 -7.98 26.02 -5.29
CA ARG B 236 -7.52 25.82 -3.93
C ARG B 236 -6.38 24.81 -3.90
N PRO B 237 -5.60 24.78 -2.80
CA PRO B 237 -4.52 23.80 -2.67
C PRO B 237 -4.95 22.35 -2.91
N THR B 238 -4.00 21.54 -3.37
CA THR B 238 -4.22 20.09 -3.51
C THR B 238 -3.11 19.34 -2.72
N GLY B 239 -3.30 18.04 -2.46
CA GLY B 239 -2.28 17.23 -1.79
C GLY B 239 -2.91 16.69 -0.51
N VAL B 240 -2.09 16.28 0.46
CA VAL B 240 -2.58 15.70 1.72
C VAL B 240 -2.50 16.76 2.81
N PHE B 241 -3.49 16.71 3.71
CA PHE B 241 -3.72 17.76 4.73
C PHE B 241 -4.31 17.13 5.97
N ASN B 242 -3.76 17.51 7.14
CA ASN B 242 -4.31 17.08 8.44
C ASN B 242 -5.44 17.99 8.84
N VAL B 243 -6.53 17.39 9.32
CA VAL B 243 -7.72 18.14 9.71
C VAL B 243 -8.02 17.84 11.16
N SER B 244 -7.81 18.83 12.01
CA SER B 244 -7.84 18.65 13.47
C SER B 244 -7.82 20.04 14.14
N THR B 245 -8.16 20.08 15.43
CA THR B 245 -7.87 21.25 16.27
C THR B 245 -6.38 21.27 16.67
N GLY B 246 -5.71 20.13 16.52
CA GLY B 246 -4.31 19.96 16.95
C GLY B 246 -4.13 19.66 18.42
N GLU B 247 -5.24 19.39 19.11
CA GLU B 247 -5.22 19.18 20.53
C GLU B 247 -5.63 17.75 20.81
N GLY B 248 -4.97 17.14 21.77
CA GLY B 248 -5.28 15.77 22.11
C GLY B 248 -5.95 15.63 23.45
N HIS B 249 -6.82 14.63 23.56
CA HIS B 249 -7.51 14.41 24.83
C HIS B 249 -7.62 12.93 25.13
N SER B 250 -7.44 12.58 26.40
CA SER B 250 -7.57 11.18 26.75
C SER B 250 -9.03 10.72 26.65
N ILE B 251 -9.21 9.42 26.48
CA ILE B 251 -10.54 8.82 26.49
C ILE B 251 -11.21 9.02 27.87
N LYS B 252 -10.39 9.05 28.92
CA LYS B 252 -10.87 9.30 30.26
C LYS B 252 -11.47 10.71 30.32
N GLU B 253 -10.82 11.69 29.68
CA GLU B 253 -11.37 13.05 29.60
C GLU B 253 -12.71 13.05 28.87
N VAL B 254 -12.81 12.25 27.80
CA VAL B 254 -14.09 12.11 27.10
C VAL B 254 -15.12 11.56 28.07
N PHE B 255 -14.77 10.45 28.72
CA PHE B 255 -15.59 9.91 29.79
C PHE B 255 -16.07 10.98 30.77
N ASP B 256 -15.15 11.75 31.37
CA ASP B 256 -15.52 12.74 32.39
C ASP B 256 -16.55 13.74 31.83
N VAL B 257 -16.47 14.03 30.53
CA VAL B 257 -17.39 14.98 29.89
C VAL B 257 -18.78 14.37 29.81
N VAL B 258 -18.85 13.10 29.40
CA VAL B 258 -20.13 12.39 29.31
C VAL B 258 -20.74 12.20 30.70
N LEU B 259 -19.94 11.75 31.67
CA LEU B 259 -20.41 11.59 33.05
C LEU B 259 -21.03 12.87 33.62
N ASP B 260 -20.38 14.02 33.39
CA ASP B 260 -20.89 15.32 33.84
C ASP B 260 -22.17 15.69 33.08
N TYR B 261 -22.18 15.42 31.77
CA TYR B 261 -23.32 15.74 30.94
C TYR B 261 -24.58 15.01 31.37
N VAL B 262 -24.47 13.69 31.55
CA VAL B 262 -25.64 12.87 31.87
C VAL B 262 -26.08 12.96 33.35
N GLY B 263 -25.18 13.42 34.21
CA GLY B 263 -25.52 13.66 35.62
C GLY B 263 -25.30 12.45 36.49
N ALA B 264 -24.74 11.38 35.92
CA ALA B 264 -24.57 10.12 36.67
C ALA B 264 -23.51 10.22 37.76
N THR B 265 -23.61 9.32 38.74
CA THR B 265 -22.59 9.24 39.78
C THR B 265 -22.07 7.80 39.85
N LEU B 266 -20.76 7.63 39.69
CA LEU B 266 -20.18 6.29 39.69
C LEU B 266 -20.04 5.62 41.07
N ALA B 267 -20.30 4.32 41.07
CA ALA B 267 -20.14 3.49 42.26
C ALA B 267 -18.69 3.00 42.41
N GLU B 268 -17.93 3.06 41.31
CA GLU B 268 -16.50 2.77 41.32
C GLU B 268 -15.78 3.77 40.40
N PRO B 269 -14.50 4.09 40.68
CA PRO B 269 -13.81 4.92 39.68
C PRO B 269 -13.63 4.11 38.41
N VAL B 270 -13.74 4.78 37.27
CA VAL B 270 -13.68 4.10 35.98
C VAL B 270 -12.32 3.41 35.79
N PRO B 271 -12.34 2.08 35.50
CA PRO B 271 -11.10 1.40 35.18
C PRO B 271 -10.45 1.98 33.91
N VAL B 272 -9.16 2.26 33.99
CA VAL B 272 -8.37 2.69 32.85
C VAL B 272 -7.44 1.53 32.51
N VAL B 273 -7.58 1.08 31.27
CA VAL B 273 -7.00 -0.15 30.79
C VAL B 273 -5.93 0.17 29.74
N ALA B 274 -4.83 -0.58 29.76
CA ALA B 274 -3.75 -0.43 28.78
C ALA B 274 -4.25 -0.60 27.33
N PRO B 275 -3.68 0.17 26.40
CA PRO B 275 -3.96 0.02 24.97
C PRO B 275 -3.75 -1.43 24.54
N GLY B 276 -4.65 -1.97 23.72
CA GLY B 276 -4.42 -3.26 23.07
C GLY B 276 -3.10 -3.28 22.30
N ALA B 277 -2.69 -4.46 21.86
CA ALA B 277 -1.42 -4.62 21.15
C ALA B 277 -1.29 -3.71 19.93
N ASP B 278 -2.38 -3.62 19.13
CA ASP B 278 -2.42 -2.83 17.90
C ASP B 278 -2.92 -1.39 18.07
N ASP B 279 -3.20 -0.95 19.30
CA ASP B 279 -3.65 0.44 19.54
C ASP B 279 -2.49 1.40 19.78
N VAL B 280 -2.42 2.43 18.95
CA VAL B 280 -1.46 3.51 19.10
C VAL B 280 -1.82 4.35 20.35
N PRO B 281 -0.85 4.52 21.25
CA PRO B 281 -1.14 5.26 22.50
C PRO B 281 -1.69 6.66 22.22
N SER B 282 -1.00 7.43 21.38
CA SER B 282 -1.43 8.80 21.11
C SER B 282 -1.44 9.10 19.60
N VAL B 283 -2.62 9.52 19.12
CA VAL B 283 -2.88 9.92 17.74
C VAL B 283 -3.56 11.29 17.72
N VAL B 284 -2.79 12.32 17.40
CA VAL B 284 -3.28 13.70 17.38
C VAL B 284 -2.58 14.31 16.17
N LEU B 285 -3.32 15.06 15.35
CA LEU B 285 -2.76 15.54 14.07
C LEU B 285 -2.49 17.01 14.15
N ASP B 286 -1.40 17.43 13.51
CA ASP B 286 -0.99 18.82 13.45
C ASP B 286 -1.55 19.41 12.16
N PRO B 287 -2.49 20.35 12.30
CA PRO B 287 -3.17 20.94 11.17
C PRO B 287 -2.55 22.25 10.66
N SER B 288 -1.37 22.62 11.16
CA SER B 288 -0.76 23.92 10.82
CA SER B 288 -0.73 23.91 10.81
C SER B 288 -0.78 24.21 9.31
N LYS B 289 -0.35 23.25 8.51
CA LYS B 289 -0.24 23.45 7.05
C LYS B 289 -1.61 23.68 6.42
N THR B 290 -2.62 23.01 6.97
CA THR B 290 -3.99 23.22 6.55
C THR B 290 -4.47 24.64 6.84
N GLU B 291 -4.13 25.14 8.03
CA GLU B 291 -4.38 26.53 8.42
CA GLU B 291 -4.42 26.54 8.38
C GLU B 291 -3.73 27.49 7.41
N THR B 292 -2.46 27.23 7.12
CA THR B 292 -1.65 28.09 6.24
C THR B 292 -2.16 28.13 4.81
N GLU B 293 -2.40 26.94 4.23
CA GLU B 293 -2.75 26.86 2.82
C GLU B 293 -4.20 27.19 2.51
N PHE B 294 -5.11 26.79 3.40
CA PHE B 294 -6.51 26.98 3.18
C PHE B 294 -7.12 28.15 3.95
N GLY B 295 -6.44 28.62 4.99
CA GLY B 295 -7.02 29.68 5.84
C GLY B 295 -8.16 29.14 6.71
N TRP B 296 -8.11 27.85 6.97
CA TRP B 296 -9.12 27.15 7.77
C TRP B 296 -8.60 26.90 9.19
N LYS B 297 -9.45 27.07 10.19
CA LYS B 297 -9.10 26.60 11.54
C LYS B 297 -10.36 26.03 12.16
N ALA B 298 -10.26 24.92 12.89
CA ALA B 298 -11.42 24.39 13.59
C ALA B 298 -11.87 25.37 14.68
N LYS B 299 -13.18 25.56 14.82
CA LYS B 299 -13.72 26.58 15.74
C LYS B 299 -14.30 26.00 17.02
N VAL B 300 -14.65 24.72 16.99
CA VAL B 300 -15.42 24.14 18.07
C VAL B 300 -14.45 23.35 18.95
N ASP B 301 -14.35 23.72 20.23
CA ASP B 301 -13.36 23.10 21.10
C ASP B 301 -13.74 21.69 21.55
N PHE B 302 -12.89 21.07 22.37
CA PHE B 302 -13.09 19.66 22.73
C PHE B 302 -14.39 19.46 23.49
N LYS B 303 -14.57 20.14 24.63
CA LYS B 303 -15.79 20.00 25.41
C LYS B 303 -17.06 20.30 24.62
N ASP B 304 -17.07 21.34 23.80
CA ASP B 304 -18.23 21.65 22.95
C ASP B 304 -18.43 20.59 21.87
N THR B 305 -17.34 20.00 21.41
CA THR B 305 -17.44 18.95 20.39
C THR B 305 -18.13 17.72 21.01
N ILE B 306 -17.67 17.28 22.19
CA ILE B 306 -18.23 16.10 22.82
C ILE B 306 -19.69 16.38 23.20
N THR B 307 -19.95 17.53 23.83
CA THR B 307 -21.27 17.82 24.36
C THR B 307 -22.28 17.98 23.25
N GLY B 308 -21.83 18.40 22.06
CA GLY B 308 -22.71 18.57 20.93
C GLY B 308 -23.13 17.24 20.32
N GLN B 309 -22.24 16.25 20.37
CA GLN B 309 -22.61 14.89 20.07
C GLN B 309 -23.68 14.34 21.02
N LEU B 310 -23.52 14.64 22.32
CA LEU B 310 -24.43 14.10 23.35
C LEU B 310 -25.82 14.74 23.21
N ALA B 311 -25.84 16.06 22.97
CA ALA B 311 -27.08 16.79 22.70
C ALA B 311 -27.82 16.19 21.50
N TRP B 312 -27.07 15.66 20.53
CA TRP B 312 -27.71 15.00 19.36
C TRP B 312 -28.38 13.69 19.78
N TYR B 313 -27.66 12.86 20.54
CA TYR B 313 -28.22 11.63 21.13
C TYR B 313 -29.43 11.94 22.04
N ASP B 314 -29.34 13.02 22.81
CA ASP B 314 -30.48 13.47 23.66
C ASP B 314 -31.74 13.61 22.85
N LYS B 315 -31.61 14.17 21.66
CA LYS B 315 -32.73 14.46 20.79
C LYS B 315 -33.22 13.22 20.03
N TYR B 316 -32.28 12.43 19.48
CA TYR B 316 -32.63 11.40 18.49
C TYR B 316 -32.30 9.99 18.93
N GLY B 317 -31.56 9.86 20.03
CA GLY B 317 -31.07 8.55 20.47
C GLY B 317 -29.74 8.22 19.82
N VAL B 318 -29.15 7.11 20.24
CA VAL B 318 -27.92 6.62 19.63
C VAL B 318 -28.39 5.85 18.41
N THR B 319 -28.38 6.53 17.27
CA THR B 319 -28.90 5.94 16.02
C THR B 319 -28.08 6.40 14.82
N ASP B 320 -27.89 5.50 13.86
CA ASP B 320 -27.29 5.88 12.57
C ASP B 320 -28.32 5.97 11.45
N ILE B 321 -29.60 6.05 11.79
CA ILE B 321 -30.63 6.09 10.74
C ILE B 321 -31.50 7.33 10.71
N PHE B 322 -31.41 8.20 11.73
CA PHE B 322 -32.21 9.42 11.71
C PHE B 322 -31.73 10.42 10.66
N SER B 323 -32.62 10.76 9.73
CA SER B 323 -32.34 11.67 8.64
C SER B 323 -32.92 13.06 8.96
N HIS B 324 -32.11 14.10 8.70
CA HIS B 324 -32.56 15.48 8.80
C HIS B 324 -33.21 15.95 7.51
N LEU B 325 -33.20 15.10 6.49
CA LEU B 325 -33.88 15.41 5.26
C LEU B 325 -35.32 15.03 5.36
N SER B 326 -36.19 15.91 4.86
CA SER B 326 -37.61 15.70 5.01
C SER B 326 -38.17 14.96 3.78
S SO4 C . 12.02 -5.84 -11.80
O1 SO4 C . 12.01 -5.45 -10.38
O2 SO4 C . 12.26 -4.69 -12.70
O3 SO4 C . 13.01 -6.89 -12.02
O4 SO4 C . 10.71 -6.39 -12.14
S SO4 D . 32.91 -2.73 -4.19
O1 SO4 D . 32.67 -1.33 -4.40
O2 SO4 D . 33.93 -3.14 -5.14
O3 SO4 D . 33.27 -2.89 -2.79
O4 SO4 D . 31.72 -3.47 -4.54
PA NAD E . 10.36 -11.00 -13.41
O1A NAD E . 9.40 -10.21 -14.19
O2A NAD E . 11.37 -11.72 -14.20
O5B NAD E . 9.52 -12.08 -12.53
C5B NAD E . 8.20 -11.84 -12.14
C4B NAD E . 7.42 -13.04 -12.54
O4B NAD E . 6.09 -12.91 -12.06
C3B NAD E . 7.32 -13.19 -14.07
O3B NAD E . 7.59 -14.55 -14.41
C2B NAD E . 5.88 -12.82 -14.33
O2B NAD E . 5.33 -13.48 -15.46
C1B NAD E . 5.17 -13.28 -13.08
N9A NAD E . 3.85 -12.67 -12.83
C8A NAD E . 3.44 -11.38 -13.06
N7A NAD E . 2.15 -11.27 -12.66
C5A NAD E . 1.72 -12.46 -12.13
C6A NAD E . 0.51 -12.91 -11.60
N6A NAD E . -0.65 -12.18 -11.61
N1A NAD E . 0.43 -14.22 -11.20
C2A NAD E . 1.50 -15.11 -11.31
N3A NAD E . 2.66 -14.64 -11.88
C4A NAD E . 2.79 -13.34 -12.26
O3 NAD E . 11.06 -10.12 -12.30
PN NAD E . 12.23 -10.50 -11.31
O1N NAD E . 13.38 -9.62 -11.50
O2N NAD E . 12.37 -11.98 -11.33
O5D NAD E . 11.66 -10.14 -9.84
C5D NAD E . 11.00 -11.11 -9.05
C4D NAD E . 10.52 -10.47 -7.74
O4D NAD E . 11.60 -9.81 -7.17
C3D NAD E . 9.44 -9.40 -7.96
O3D NAD E . 8.56 -9.45 -6.84
C2D NAD E . 10.26 -8.11 -7.93
O2D NAD E . 9.44 -7.00 -7.54
C1D NAD E . 11.37 -8.43 -6.94
N1N NAD E . 12.62 -7.63 -7.09
C2N NAD E . 13.54 -7.98 -8.08
C3N NAD E . 14.70 -7.24 -8.25
C7N NAD E . 15.77 -7.74 -9.21
O7N NAD E . 17.03 -7.23 -8.97
N7N NAD E . 15.53 -8.62 -10.20
C4N NAD E . 14.95 -6.14 -7.40
C5N NAD E . 14.04 -5.82 -6.39
C6N NAD E . 12.88 -6.57 -6.25
N1 UDP F . 19.90 3.85 -17.46
C2 UDP F . 20.77 4.63 -18.21
N3 UDP F . 20.95 4.40 -19.56
C4 UDP F . 20.27 3.39 -20.19
C5 UDP F . 19.40 2.57 -19.45
C6 UDP F . 19.28 2.77 -18.07
O2 UDP F . 21.38 5.55 -17.68
O4 UDP F . 20.46 3.22 -21.40
C1' UDP F . 19.77 4.16 -16.01
C2' UDP F . 18.37 4.59 -15.57
O2' UDP F . 18.13 5.96 -15.83
C3' UDP F . 18.36 4.25 -14.08
C4' UDP F . 19.48 3.24 -13.90
O4' UDP F . 20.14 3.09 -15.16
O3' UDP F . 18.59 5.38 -13.27
C5' UDP F . 18.96 1.88 -13.40
O5' UDP F . 18.19 1.26 -14.42
PA UDP F . 16.65 0.80 -14.26
O1A UDP F . 16.62 -0.45 -13.47
O2A UDP F . 16.11 0.54 -15.62
O3A UDP F . 15.80 2.01 -13.52
PB UDP F . 15.49 2.32 -11.92
O1B UDP F . 14.24 1.62 -11.52
O2B UDP F . 16.59 1.94 -10.99
O3B UDP F . 15.25 3.78 -11.77
S SO4 G . -9.47 22.37 23.32
O1 SO4 G . -8.70 23.57 22.94
O2 SO4 G . -9.97 21.89 22.02
O3 SO4 G . -8.58 21.47 24.02
O4 SO4 G . -10.68 22.55 24.12
PA NAD H . -18.84 4.89 7.08
O1A NAD H . -18.64 3.42 7.30
O2A NAD H . -20.02 5.43 7.80
O5B NAD H . -18.99 5.24 5.53
C5B NAD H . -18.29 4.49 4.54
C4B NAD H . -19.32 4.16 3.49
O4B NAD H . -18.70 3.39 2.47
C3B NAD H . -20.45 3.27 4.07
O3B NAD H . -21.72 3.83 3.78
C2B NAD H . -20.19 1.91 3.41
O2B NAD H . -21.35 1.17 3.17
C1B NAD H . -19.59 2.33 2.09
N9A NAD H . -18.80 1.29 1.37
C8A NAD H . -17.96 0.31 1.85
N7A NAD H . -17.41 -0.38 0.83
C5A NAD H . -17.89 0.12 -0.32
C6A NAD H . -17.72 -0.22 -1.63
N6A NAD H . -17.06 -1.33 -2.01
N1A NAD H . -18.41 0.52 -2.58
C2A NAD H . -19.26 1.56 -2.23
N3A NAD H . -19.43 1.86 -0.88
C4A NAD H . -18.79 1.16 0.03
O3 NAD H . -17.49 5.55 7.60
PN NAD H . -17.27 7.16 7.77
O1N NAD H . -16.92 7.40 9.16
O2N NAD H . -18.34 7.83 7.02
O5D NAD H . -15.94 7.37 6.88
C5D NAD H . -16.00 7.80 5.53
C4D NAD H . -14.57 7.96 4.96
O4D NAD H . -13.81 8.80 5.81
C3D NAD H . -13.79 6.60 4.94
O3D NAD H . -12.93 6.70 3.83
C2D NAD H . -12.96 6.68 6.19
O2D NAD H . -11.78 5.90 6.06
C1D NAD H . -12.65 8.19 6.31
N1N NAD H . -12.38 8.65 7.70
C2N NAD H . -13.42 8.89 8.57
C3N NAD H . -13.18 9.27 9.91
C7N NAD H . -14.30 9.72 10.79
O7N NAD H . -13.92 10.38 11.95
N7N NAD H . -15.58 9.48 10.46
C4N NAD H . -11.87 9.48 10.35
C5N NAD H . -10.82 9.24 9.42
C6N NAD H . -11.10 8.84 8.11
N1 UDP I . -12.62 3.07 23.87
C2 UDP I . -12.73 2.98 25.26
N3 UDP I . -13.87 2.51 25.87
C4 UDP I . -14.96 2.12 25.09
C5 UDP I . -14.87 2.21 23.69
C6 UDP I . -13.66 2.57 23.10
O2 UDP I . -11.78 3.32 25.95
O4 UDP I . -15.98 1.70 25.62
#